data_8XCE
#
_entry.id   8XCE
#
_cell.length_a   68.930
_cell.length_b   71.800
_cell.length_c   84.620
_cell.angle_alpha   90.00
_cell.angle_beta   90.00
_cell.angle_gamma   90.00
#
_symmetry.space_group_name_H-M   'P 1 21 1'
#
loop_
_entity.id
_entity.type
_entity.pdbx_description
1 polymer 'Cellular tumor antigen p53'
2 non-polymer 'ZINC ION'
3 non-polymer '2-[(2~{Z})-2-(3-ethynylphenyl)imino-4-oxidanylidene-1,3-thiazolidin-5-ylidene]ethanoic acid'
4 water water
#
_entity_poly.entity_id   1
_entity_poly.type   'polypeptide(L)'
_entity_poly.pdbx_seq_one_letter_code
;SSSVPSQKTYQGSYGFRLGFLHSGTAKSVTCTYSPALNKMFCQLAKTCPVQLWVDSTPPPGTRVRAMAIYKQSQHMTEVV
RRCPHHERCSDSDGLAPPQHLIRVEGNLRVEYLDDRNTFRHSVVVPYEPPEVGSDCTTIHYNYMCNSSCMGGMNRRPILT
IITLEDSSGNLLGRNSFEVRVCACPGRDRRTEEENLRKKG
;
_entity_poly.pdbx_strand_id   A,B,C,D
#
# COMPACT_ATOMS: atom_id res chain seq x y z
N SER A 3 -25.33 -9.53 -27.23
CA SER A 3 -24.77 -8.68 -26.12
C SER A 3 -23.68 -9.44 -25.35
N VAL A 4 -22.52 -9.64 -26.00
CA VAL A 4 -21.26 -10.22 -25.44
C VAL A 4 -21.16 -9.89 -23.96
N PRO A 5 -20.86 -10.87 -23.07
CA PRO A 5 -20.64 -10.61 -21.65
C PRO A 5 -19.41 -9.72 -21.39
N SER A 6 -19.53 -8.85 -20.39
CA SER A 6 -18.53 -7.81 -20.04
C SER A 6 -17.22 -8.49 -19.62
N GLN A 7 -16.09 -7.92 -20.03
CA GLN A 7 -14.73 -8.38 -19.62
C GLN A 7 -14.03 -7.27 -18.83
N LYS A 8 -14.72 -6.18 -18.51
CA LYS A 8 -14.14 -5.00 -17.81
C LYS A 8 -13.73 -5.41 -16.38
N THR A 9 -12.47 -5.17 -16.02
CA THR A 9 -11.91 -5.44 -14.67
C THR A 9 -12.69 -4.62 -13.62
N TYR A 10 -12.94 -5.21 -12.47
CA TYR A 10 -13.75 -4.63 -11.37
C TYR A 10 -13.34 -5.31 -10.06
N GLN A 11 -12.46 -4.68 -9.28
CA GLN A 11 -11.98 -5.25 -7.99
C GLN A 11 -13.14 -5.19 -6.98
N GLY A 12 -13.98 -4.16 -7.09
CA GLY A 12 -15.21 -3.98 -6.29
C GLY A 12 -14.94 -3.99 -4.79
N SER A 13 -15.92 -4.43 -4.01
CA SER A 13 -16.06 -4.17 -2.56
C SER A 13 -14.99 -4.94 -1.78
N TYR A 14 -14.56 -6.11 -2.27
CA TYR A 14 -13.68 -7.05 -1.53
C TYR A 14 -12.24 -6.99 -2.03
N GLY A 15 -11.91 -6.04 -2.91
CA GLY A 15 -10.56 -5.88 -3.49
C GLY A 15 -10.11 -7.14 -4.20
N PHE A 16 -10.90 -7.59 -5.17
CA PHE A 16 -10.78 -8.91 -5.85
C PHE A 16 -9.77 -8.81 -6.99
N ARG A 17 -8.69 -9.61 -6.91
N ARG A 17 -8.69 -9.61 -6.91
CA ARG A 17 -7.65 -9.75 -7.96
CA ARG A 17 -7.64 -9.75 -7.93
C ARG A 17 -7.32 -11.22 -8.15
C ARG A 17 -7.33 -11.23 -8.15
N LEU A 18 -6.75 -11.56 -9.32
CA LEU A 18 -6.28 -12.93 -9.64
C LEU A 18 -4.77 -12.96 -9.39
N GLY A 19 -4.27 -14.10 -8.94
CA GLY A 19 -2.84 -14.40 -8.88
C GLY A 19 -2.57 -15.71 -9.59
N PHE A 20 -1.32 -15.90 -9.98
CA PHE A 20 -0.85 -17.13 -10.65
C PHE A 20 0.48 -17.52 -10.02
N LEU A 21 0.73 -18.83 -9.95
CA LEU A 21 2.03 -19.37 -9.52
C LEU A 21 3.13 -18.81 -10.44
N HIS A 22 4.30 -18.52 -9.88
CA HIS A 22 5.53 -18.13 -10.64
C HIS A 22 6.26 -19.42 -11.01
N SER A 23 5.76 -20.12 -12.03
N SER A 23 5.76 -20.12 -12.03
CA SER A 23 6.13 -21.52 -12.36
CA SER A 23 6.12 -21.52 -12.37
C SER A 23 7.33 -21.57 -13.30
C SER A 23 7.33 -21.57 -13.30
N GLY A 24 7.61 -20.48 -14.04
CA GLY A 24 8.68 -20.45 -15.05
C GLY A 24 8.31 -21.22 -16.31
N THR A 25 9.29 -21.42 -17.21
CA THR A 25 9.08 -21.97 -18.58
C THR A 25 9.94 -23.23 -18.79
N ALA A 26 10.28 -23.96 -17.72
CA ALA A 26 11.08 -25.20 -17.78
C ALA A 26 10.29 -26.27 -18.54
N LYS A 27 11.01 -27.14 -19.26
CA LYS A 27 10.47 -28.19 -20.16
C LYS A 27 9.26 -28.90 -19.54
N SER A 28 9.32 -29.18 -18.23
CA SER A 28 8.36 -30.04 -17.49
C SER A 28 7.02 -29.34 -17.18
N VAL A 29 6.97 -28.00 -17.26
N VAL A 29 6.97 -28.01 -17.27
CA VAL A 29 5.86 -27.19 -16.69
CA VAL A 29 5.87 -27.19 -16.69
C VAL A 29 4.59 -27.44 -17.50
C VAL A 29 4.59 -27.44 -17.50
N THR A 30 3.49 -27.74 -16.81
CA THR A 30 2.17 -28.10 -17.41
C THR A 30 1.29 -26.86 -17.54
N CYS A 31 1.56 -25.81 -16.76
N CYS A 31 1.57 -25.81 -16.75
CA CYS A 31 0.82 -24.52 -16.78
CA CYS A 31 0.81 -24.53 -16.80
C CYS A 31 1.75 -23.40 -16.32
C CYS A 31 1.73 -23.39 -16.31
N THR A 32 1.79 -22.30 -17.08
CA THR A 32 2.67 -21.14 -16.79
C THR A 32 1.96 -19.86 -17.22
N TYR A 33 2.04 -18.85 -16.37
CA TYR A 33 1.41 -17.52 -16.58
C TYR A 33 2.50 -16.50 -16.94
N SER A 34 2.22 -15.71 -17.99
CA SER A 34 3.04 -14.56 -18.42
C SER A 34 2.41 -13.28 -17.88
N PRO A 35 3.05 -12.60 -16.90
CA PRO A 35 2.57 -11.31 -16.41
C PRO A 35 2.64 -10.24 -17.50
N ALA A 36 3.66 -10.29 -18.35
CA ALA A 36 3.88 -9.30 -19.44
C ALA A 36 2.70 -9.34 -20.42
N LEU A 37 2.16 -10.52 -20.71
CA LEU A 37 1.09 -10.72 -21.71
C LEU A 37 -0.28 -10.88 -21.05
N ASN A 38 -0.36 -10.99 -19.71
CA ASN A 38 -1.57 -11.40 -18.93
C ASN A 38 -2.17 -12.64 -19.58
N LYS A 39 -1.35 -13.67 -19.79
CA LYS A 39 -1.72 -14.86 -20.60
C LYS A 39 -1.25 -16.13 -19.89
N MET A 40 -2.19 -17.05 -19.66
N MET A 40 -2.19 -17.05 -19.66
CA MET A 40 -1.94 -18.43 -19.18
CA MET A 40 -1.92 -18.43 -19.16
C MET A 40 -1.63 -19.33 -20.37
C MET A 40 -1.64 -19.33 -20.36
N PHE A 41 -0.51 -20.06 -20.34
CA PHE A 41 -0.19 -21.16 -21.27
C PHE A 41 -0.34 -22.46 -20.50
N CYS A 42 -1.21 -23.38 -20.95
CA CYS A 42 -1.48 -24.65 -20.23
C CYS A 42 -1.68 -25.80 -21.22
N GLN A 43 -1.49 -27.02 -20.76
CA GLN A 43 -1.74 -28.26 -21.53
C GLN A 43 -3.19 -28.70 -21.33
N LEU A 44 -3.71 -29.40 -22.34
CA LEU A 44 -5.05 -30.04 -22.37
C LEU A 44 -5.27 -30.90 -21.11
N ALA A 45 -6.37 -30.68 -20.40
CA ALA A 45 -6.86 -31.51 -19.28
C ALA A 45 -5.95 -31.43 -18.04
N LYS A 46 -4.86 -30.66 -18.09
CA LYS A 46 -3.91 -30.55 -16.96
C LYS A 46 -4.36 -29.44 -15.99
N THR A 47 -3.94 -29.58 -14.74
CA THR A 47 -4.27 -28.69 -13.61
C THR A 47 -3.76 -27.27 -13.86
N CYS A 48 -4.68 -26.30 -13.84
N CYS A 48 -4.68 -26.29 -13.84
CA CYS A 48 -4.40 -24.86 -14.04
CA CYS A 48 -4.39 -24.86 -14.04
C CYS A 48 -4.79 -24.08 -12.79
C CYS A 48 -4.78 -24.08 -12.79
N PRO A 49 -3.86 -23.88 -11.83
CA PRO A 49 -4.16 -23.11 -10.63
C PRO A 49 -4.44 -21.64 -10.96
N VAL A 50 -5.58 -21.13 -10.49
CA VAL A 50 -5.89 -19.68 -10.49
C VAL A 50 -6.13 -19.29 -9.04
N GLN A 51 -5.37 -18.31 -8.55
CA GLN A 51 -5.50 -17.78 -7.17
C GLN A 51 -6.52 -16.64 -7.17
N LEU A 52 -7.42 -16.65 -6.19
CA LEU A 52 -8.32 -15.53 -5.84
C LEU A 52 -7.72 -14.78 -4.66
N TRP A 53 -7.45 -13.48 -4.84
CA TRP A 53 -6.96 -12.59 -3.76
C TRP A 53 -8.04 -11.57 -3.44
N VAL A 54 -8.35 -11.44 -2.15
CA VAL A 54 -9.34 -10.46 -1.62
C VAL A 54 -8.69 -9.68 -0.47
N ASP A 55 -9.04 -8.40 -0.36
CA ASP A 55 -8.65 -7.51 0.76
C ASP A 55 -9.51 -7.84 1.97
N SER A 56 -10.76 -8.25 1.74
N SER A 56 -10.76 -8.25 1.74
CA SER A 56 -11.75 -8.64 2.79
CA SER A 56 -11.73 -8.65 2.79
C SER A 56 -12.48 -9.91 2.36
C SER A 56 -12.48 -9.90 2.37
N THR A 57 -12.74 -10.80 3.32
CA THR A 57 -13.37 -12.12 3.12
C THR A 57 -14.83 -11.93 2.69
N PRO A 58 -15.21 -12.32 1.46
CA PRO A 58 -16.63 -12.35 1.10
C PRO A 58 -17.44 -13.28 1.99
N PRO A 59 -18.76 -13.07 2.13
CA PRO A 59 -19.58 -13.93 3.00
C PRO A 59 -19.68 -15.36 2.46
N PRO A 60 -19.96 -16.37 3.33
CA PRO A 60 -20.23 -17.73 2.83
C PRO A 60 -21.40 -17.70 1.83
N GLY A 61 -21.35 -18.53 0.79
CA GLY A 61 -22.39 -18.57 -0.25
C GLY A 61 -22.01 -17.66 -1.43
N THR A 62 -20.97 -16.84 -1.31
CA THR A 62 -20.27 -16.19 -2.45
C THR A 62 -19.84 -17.28 -3.44
N ARG A 63 -19.96 -17.01 -4.74
CA ARG A 63 -19.64 -18.00 -5.79
C ARG A 63 -18.62 -17.44 -6.77
N VAL A 64 -17.85 -18.33 -7.39
CA VAL A 64 -16.79 -18.01 -8.39
C VAL A 64 -17.12 -18.71 -9.70
N ARG A 65 -17.41 -17.92 -10.74
CA ARG A 65 -17.76 -18.40 -12.09
C ARG A 65 -16.57 -18.13 -13.03
N ALA A 66 -16.29 -19.08 -13.91
CA ALA A 66 -15.35 -19.00 -15.05
C ALA A 66 -16.15 -19.15 -16.36
N MET A 67 -15.83 -18.32 -17.35
CA MET A 67 -16.47 -18.33 -18.69
C MET A 67 -15.41 -17.94 -19.73
N ALA A 68 -15.37 -18.64 -20.87
CA ALA A 68 -14.48 -18.30 -22.00
C ALA A 68 -15.26 -17.45 -23.02
N ILE A 69 -14.61 -16.44 -23.57
CA ILE A 69 -15.06 -15.71 -24.78
C ILE A 69 -13.86 -15.61 -25.72
N TYR A 70 -14.12 -15.42 -27.02
CA TYR A 70 -13.10 -15.09 -28.04
C TYR A 70 -12.63 -13.65 -27.80
N LYS A 71 -11.33 -13.41 -27.97
CA LYS A 71 -10.70 -12.11 -27.67
C LYS A 71 -11.01 -11.13 -28.80
N GLN A 72 -11.00 -11.61 -30.05
CA GLN A 72 -11.11 -10.78 -31.28
C GLN A 72 -12.56 -10.30 -31.43
N SER A 73 -12.76 -9.04 -31.83
CA SER A 73 -14.10 -8.39 -31.90
C SER A 73 -14.98 -9.09 -32.95
N GLN A 74 -14.37 -9.61 -34.01
CA GLN A 74 -15.10 -10.25 -35.14
C GLN A 74 -15.57 -11.67 -34.78
N HIS A 75 -15.09 -12.24 -33.66
CA HIS A 75 -15.43 -13.62 -33.22
C HIS A 75 -16.16 -13.64 -31.88
N MET A 76 -16.40 -12.46 -31.29
CA MET A 76 -16.74 -12.31 -29.85
C MET A 76 -18.16 -12.83 -29.55
N THR A 77 -19.06 -12.76 -30.53
N THR A 77 -19.06 -12.76 -30.53
CA THR A 77 -20.48 -13.21 -30.42
CA THR A 77 -20.49 -13.19 -30.43
C THR A 77 -20.59 -14.73 -30.59
C THR A 77 -20.58 -14.72 -30.60
N GLU A 78 -19.51 -15.40 -30.99
CA GLU A 78 -19.49 -16.88 -31.13
C GLU A 78 -19.25 -17.51 -29.75
N VAL A 79 -20.03 -18.52 -29.37
CA VAL A 79 -19.86 -19.27 -28.08
C VAL A 79 -18.60 -20.13 -28.18
N VAL A 80 -17.74 -20.05 -27.18
CA VAL A 80 -16.52 -20.91 -27.07
C VAL A 80 -16.96 -22.29 -26.56
N ARG A 81 -16.71 -23.33 -27.35
CA ARG A 81 -17.05 -24.74 -27.03
C ARG A 81 -15.92 -25.65 -27.50
N ARG A 82 -15.95 -26.92 -27.05
CA ARG A 82 -15.01 -27.96 -27.54
C ARG A 82 -15.31 -28.29 -29.00
N CYS A 83 -14.30 -28.79 -29.72
CA CYS A 83 -14.43 -29.30 -31.10
C CYS A 83 -15.22 -30.61 -31.06
N PRO A 84 -15.87 -31.02 -32.17
CA PRO A 84 -16.54 -32.32 -32.22
C PRO A 84 -15.67 -33.44 -31.63
N HIS A 85 -14.41 -33.54 -32.05
CA HIS A 85 -13.47 -34.64 -31.68
C HIS A 85 -13.38 -34.77 -30.16
N HIS A 86 -13.07 -33.67 -29.45
CA HIS A 86 -12.85 -33.69 -27.97
C HIS A 86 -14.18 -33.91 -27.25
N GLU A 87 -15.28 -33.41 -27.79
CA GLU A 87 -16.64 -33.59 -27.22
C GLU A 87 -16.96 -35.11 -27.14
N ARG A 88 -16.52 -35.91 -28.12
CA ARG A 88 -16.81 -37.38 -28.20
C ARG A 88 -15.72 -38.22 -27.52
N CYS A 89 -14.57 -37.65 -27.13
CA CYS A 89 -13.52 -38.39 -26.32
C CYS A 89 -14.13 -38.75 -24.95
N SER A 90 -13.94 -39.99 -24.47
CA SER A 90 -14.66 -40.53 -23.29
C SER A 90 -14.02 -40.01 -22.00
N ASP A 91 -13.97 -38.69 -21.84
CA ASP A 91 -13.14 -37.96 -20.84
C ASP A 91 -14.04 -37.28 -19.80
N SER A 92 -15.36 -37.28 -20.01
CA SER A 92 -16.35 -36.77 -19.02
C SER A 92 -15.97 -37.32 -17.65
N ASP A 93 -16.00 -36.47 -16.62
CA ASP A 93 -15.76 -36.85 -15.20
C ASP A 93 -17.10 -37.12 -14.50
N GLY A 94 -18.21 -37.15 -15.25
CA GLY A 94 -19.57 -37.41 -14.73
C GLY A 94 -20.25 -36.15 -14.26
N LEU A 95 -19.55 -35.01 -14.15
CA LEU A 95 -20.17 -33.74 -13.70
C LEU A 95 -20.24 -32.72 -14.85
N ALA A 96 -19.18 -32.59 -15.65
CA ALA A 96 -19.05 -31.54 -16.69
C ALA A 96 -19.80 -31.93 -17.97
N PRO A 97 -20.57 -31.01 -18.59
CA PRO A 97 -21.14 -31.29 -19.90
C PRO A 97 -20.00 -31.55 -20.87
N PRO A 98 -20.17 -32.48 -21.84
CA PRO A 98 -19.10 -32.80 -22.77
C PRO A 98 -18.66 -31.63 -23.67
N GLN A 99 -19.53 -30.62 -23.85
N GLN A 99 -19.52 -30.62 -23.84
CA GLN A 99 -19.29 -29.45 -24.75
CA GLN A 99 -19.31 -29.45 -24.75
C GLN A 99 -18.44 -28.37 -24.07
C GLN A 99 -18.45 -28.36 -24.07
N HIS A 100 -18.36 -28.38 -22.73
CA HIS A 100 -17.74 -27.29 -21.92
C HIS A 100 -16.22 -27.32 -22.05
N LEU A 101 -15.65 -26.17 -22.45
CA LEU A 101 -14.19 -26.01 -22.54
C LEU A 101 -13.57 -26.05 -21.14
N ILE A 102 -14.17 -25.36 -20.16
CA ILE A 102 -13.53 -25.09 -18.84
C ILE A 102 -14.20 -25.98 -17.80
N ARG A 103 -13.40 -26.81 -17.13
CA ARG A 103 -13.87 -27.63 -16.00
C ARG A 103 -13.16 -27.18 -14.72
N VAL A 104 -13.71 -27.52 -13.56
CA VAL A 104 -12.99 -27.44 -12.26
C VAL A 104 -12.75 -28.87 -11.80
N GLU A 105 -11.54 -29.16 -11.35
CA GLU A 105 -11.15 -30.50 -10.83
C GLU A 105 -11.06 -30.40 -9.30
N GLY A 106 -11.26 -31.53 -8.61
CA GLY A 106 -11.12 -31.65 -7.15
C GLY A 106 -12.22 -30.92 -6.38
N ASN A 107 -13.38 -30.64 -6.99
CA ASN A 107 -14.49 -29.94 -6.28
C ASN A 107 -15.84 -30.59 -6.58
N LEU A 108 -16.35 -31.36 -5.63
CA LEU A 108 -17.62 -32.10 -5.78
C LEU A 108 -18.83 -31.15 -5.77
N ARG A 109 -18.65 -29.87 -5.42
CA ARG A 109 -19.76 -28.87 -5.35
C ARG A 109 -19.79 -28.01 -6.61
N VAL A 110 -18.96 -28.35 -7.60
CA VAL A 110 -18.91 -27.64 -8.93
C VAL A 110 -20.28 -27.70 -9.60
N GLU A 111 -20.65 -26.62 -10.29
CA GLU A 111 -21.96 -26.48 -10.99
C GLU A 111 -21.67 -25.94 -12.38
N TYR A 112 -22.35 -26.47 -13.40
CA TYR A 112 -22.15 -26.08 -14.82
C TYR A 112 -23.44 -25.47 -15.33
N LEU A 113 -23.32 -24.41 -16.15
CA LEU A 113 -24.49 -23.69 -16.71
C LEU A 113 -24.35 -23.62 -18.23
N ASP A 114 -25.38 -24.06 -18.94
CA ASP A 114 -25.70 -23.65 -20.33
C ASP A 114 -26.74 -22.53 -20.21
N ASP A 115 -26.34 -21.29 -20.45
CA ASP A 115 -27.20 -20.10 -20.24
C ASP A 115 -28.39 -20.20 -21.19
N ARG A 116 -29.61 -20.11 -20.65
CA ARG A 116 -30.86 -20.28 -21.42
C ARG A 116 -30.96 -19.25 -22.56
N ASN A 117 -30.36 -18.07 -22.43
CA ASN A 117 -30.55 -16.94 -23.39
C ASN A 117 -29.28 -16.66 -24.22
N THR A 118 -28.09 -16.71 -23.62
CA THR A 118 -26.81 -16.41 -24.34
C THR A 118 -26.23 -17.70 -24.93
N PHE A 119 -26.62 -18.85 -24.42
CA PHE A 119 -26.13 -20.21 -24.83
C PHE A 119 -24.65 -20.36 -24.44
N ARG A 120 -24.11 -19.39 -23.69
CA ARG A 120 -22.69 -19.42 -23.24
C ARG A 120 -22.59 -20.43 -22.09
N HIS A 121 -21.43 -21.06 -22.00
CA HIS A 121 -21.09 -22.07 -20.97
C HIS A 121 -20.32 -21.40 -19.83
N SER A 122 -20.54 -21.86 -18.60
CA SER A 122 -19.72 -21.41 -17.46
C SER A 122 -19.71 -22.49 -16.37
N VAL A 123 -18.70 -22.43 -15.51
CA VAL A 123 -18.50 -23.38 -14.37
C VAL A 123 -18.37 -22.54 -13.12
N VAL A 124 -19.07 -22.93 -12.06
N VAL A 124 -19.07 -22.93 -12.06
CA VAL A 124 -19.18 -22.11 -10.81
CA VAL A 124 -19.18 -22.12 -10.80
C VAL A 124 -18.87 -23.04 -9.61
C VAL A 124 -18.87 -23.04 -9.61
N VAL A 125 -18.08 -22.53 -8.65
CA VAL A 125 -17.77 -23.23 -7.37
C VAL A 125 -18.06 -22.26 -6.24
N PRO A 126 -18.40 -22.76 -5.03
CA PRO A 126 -18.44 -21.91 -3.85
C PRO A 126 -17.06 -21.30 -3.59
N TYR A 127 -17.04 -20.04 -3.15
CA TYR A 127 -15.83 -19.38 -2.61
C TYR A 127 -15.54 -20.01 -1.24
N GLU A 128 -14.30 -20.47 -1.03
CA GLU A 128 -13.80 -20.86 0.31
C GLU A 128 -12.63 -19.95 0.64
N PRO A 129 -12.51 -19.49 1.90
CA PRO A 129 -11.40 -18.63 2.30
C PRO A 129 -10.07 -19.39 2.24
N PRO A 130 -8.92 -18.70 2.23
CA PRO A 130 -7.61 -19.34 2.09
C PRO A 130 -7.40 -20.46 3.11
N GLU A 131 -6.68 -21.51 2.72
CA GLU A 131 -6.28 -22.61 3.64
C GLU A 131 -5.19 -22.08 4.56
N VAL A 132 -4.98 -22.78 5.69
CA VAL A 132 -3.86 -22.53 6.65
C VAL A 132 -2.54 -22.57 5.86
N GLY A 133 -1.81 -21.46 5.88
CA GLY A 133 -0.55 -21.28 5.13
C GLY A 133 -0.70 -20.19 4.06
N SER A 134 -1.80 -20.22 3.32
CA SER A 134 -2.03 -19.39 2.10
C SER A 134 -2.70 -18.07 2.47
N ASP A 135 -2.49 -17.03 1.66
CA ASP A 135 -3.16 -15.72 1.71
C ASP A 135 -4.12 -15.55 0.53
N CYS A 136 -4.38 -16.61 -0.22
CA CYS A 136 -5.24 -16.64 -1.42
C CYS A 136 -5.99 -17.97 -1.51
N THR A 137 -7.05 -18.01 -2.31
CA THR A 137 -7.82 -19.25 -2.61
C THR A 137 -7.44 -19.73 -4.01
N THR A 138 -7.08 -21.00 -4.12
CA THR A 138 -6.69 -21.63 -5.41
C THR A 138 -7.87 -22.45 -5.94
N ILE A 139 -8.24 -22.19 -7.20
CA ILE A 139 -9.14 -23.07 -8.02
C ILE A 139 -8.29 -23.76 -9.08
N HIS A 140 -8.54 -25.05 -9.27
CA HIS A 140 -7.88 -25.91 -10.28
C HIS A 140 -8.80 -26.03 -11.51
N TYR A 141 -8.55 -25.21 -12.54
CA TYR A 141 -9.24 -25.30 -13.85
C TYR A 141 -8.55 -26.37 -14.74
N ASN A 142 -9.34 -27.02 -15.59
CA ASN A 142 -8.88 -27.86 -16.72
C ASN A 142 -9.47 -27.29 -18.02
N TYR A 143 -8.63 -27.06 -19.03
CA TYR A 143 -9.06 -26.68 -20.39
C TYR A 143 -9.05 -27.94 -21.27
N MET A 144 -10.19 -28.23 -21.89
CA MET A 144 -10.50 -29.58 -22.45
C MET A 144 -10.40 -29.58 -23.99
N CYS A 145 -9.86 -28.50 -24.57
N CYS A 145 -9.85 -28.51 -24.59
CA CYS A 145 -9.58 -28.37 -26.03
CA CYS A 145 -9.63 -28.37 -26.06
C CYS A 145 -8.32 -27.56 -26.24
C CYS A 145 -8.33 -27.57 -26.25
N ASN A 146 -7.54 -27.91 -27.27
CA ASN A 146 -6.31 -27.16 -27.64
C ASN A 146 -6.73 -25.92 -28.44
N SER A 147 -6.01 -24.81 -28.28
CA SER A 147 -6.19 -23.55 -29.05
C SER A 147 -6.17 -23.85 -30.55
N SER A 148 -5.38 -24.85 -30.96
CA SER A 148 -5.14 -25.27 -32.37
C SER A 148 -6.29 -26.09 -32.95
N CYS A 149 -7.18 -26.65 -32.12
CA CYS A 149 -8.23 -27.63 -32.54
C CYS A 149 -9.04 -27.09 -33.72
N MET A 150 -8.95 -27.75 -34.88
CA MET A 150 -9.84 -27.52 -36.05
C MET A 150 -11.28 -27.81 -35.63
N GLY A 151 -12.22 -26.93 -35.98
CA GLY A 151 -13.65 -27.10 -35.67
C GLY A 151 -13.94 -26.83 -34.20
N GLY A 152 -13.03 -26.15 -33.52
CA GLY A 152 -13.21 -25.58 -32.17
C GLY A 152 -12.71 -24.14 -32.16
N MET A 153 -11.79 -23.81 -31.26
CA MET A 153 -11.17 -22.46 -31.18
C MET A 153 -10.38 -22.17 -32.45
N ASN A 154 -9.75 -23.19 -33.04
CA ASN A 154 -9.08 -23.16 -34.36
C ASN A 154 -8.15 -21.94 -34.42
N ARG A 155 -7.25 -21.86 -33.43
CA ARG A 155 -6.11 -20.91 -33.35
C ARG A 155 -6.57 -19.51 -32.93
N ARG A 156 -7.87 -19.29 -32.73
CA ARG A 156 -8.41 -17.98 -32.28
C ARG A 156 -8.15 -17.83 -30.78
N PRO A 157 -7.57 -16.69 -30.35
CA PRO A 157 -7.27 -16.48 -28.93
C PRO A 157 -8.55 -16.28 -28.10
N ILE A 158 -8.53 -16.78 -26.86
CA ILE A 158 -9.69 -16.65 -25.94
C ILE A 158 -9.26 -15.95 -24.66
N LEU A 159 -10.21 -15.30 -24.00
CA LEU A 159 -10.10 -14.82 -22.61
C LEU A 159 -10.91 -15.77 -21.72
N THR A 160 -10.43 -16.01 -20.51
CA THR A 160 -11.24 -16.52 -19.39
C THR A 160 -11.64 -15.32 -18.52
N ILE A 161 -12.93 -15.20 -18.21
CA ILE A 161 -13.48 -14.14 -17.32
C ILE A 161 -13.86 -14.82 -16.01
N ILE A 162 -13.22 -14.42 -14.90
CA ILE A 162 -13.51 -14.92 -13.53
C ILE A 162 -14.34 -13.85 -12.82
N THR A 163 -15.58 -14.18 -12.49
CA THR A 163 -16.49 -13.26 -11.77
CA THR A 163 -16.50 -13.26 -11.78
C THR A 163 -16.74 -13.80 -10.37
N LEU A 164 -16.73 -12.90 -9.40
CA LEU A 164 -17.13 -13.17 -8.00
C LEU A 164 -18.57 -12.70 -7.85
N GLU A 165 -19.49 -13.59 -7.43
CA GLU A 165 -20.92 -13.23 -7.24
C GLU A 165 -21.37 -13.65 -5.84
N ASP A 166 -22.39 -12.97 -5.31
CA ASP A 166 -23.00 -13.38 -4.02
C ASP A 166 -23.98 -14.50 -4.32
N SER A 167 -24.64 -15.03 -3.27
CA SER A 167 -25.54 -16.20 -3.37
C SER A 167 -26.73 -15.85 -4.27
N SER A 168 -27.10 -14.57 -4.38
CA SER A 168 -28.27 -14.09 -5.17
C SER A 168 -27.88 -13.80 -6.63
N GLY A 169 -26.59 -13.90 -6.96
CA GLY A 169 -26.06 -13.69 -8.32
C GLY A 169 -25.66 -12.25 -8.57
N ASN A 170 -25.59 -11.40 -7.52
CA ASN A 170 -25.12 -9.99 -7.66
C ASN A 170 -23.62 -10.02 -7.90
N LEU A 171 -23.17 -9.26 -8.91
CA LEU A 171 -21.73 -9.12 -9.28
C LEU A 171 -20.98 -8.46 -8.11
N LEU A 172 -19.92 -9.11 -7.60
CA LEU A 172 -19.02 -8.55 -6.55
C LEU A 172 -17.68 -8.10 -7.18
N GLY A 173 -17.18 -8.82 -8.17
CA GLY A 173 -15.84 -8.61 -8.74
C GLY A 173 -15.65 -9.34 -10.04
N ARG A 174 -14.80 -8.80 -10.93
CA ARG A 174 -14.49 -9.42 -12.23
C ARG A 174 -13.03 -9.14 -12.61
N ASN A 175 -12.35 -10.18 -13.11
CA ASN A 175 -11.01 -10.10 -13.72
C ASN A 175 -10.99 -11.03 -14.93
N SER A 176 -9.91 -11.00 -15.70
CA SER A 176 -9.77 -11.75 -16.96
C SER A 176 -8.29 -11.98 -17.27
N PHE A 177 -8.01 -13.01 -18.07
CA PHE A 177 -6.66 -13.35 -18.56
C PHE A 177 -6.83 -14.10 -19.88
N GLU A 178 -5.90 -13.86 -20.82
CA GLU A 178 -5.82 -14.63 -22.07
CA GLU A 178 -5.83 -14.64 -22.07
C GLU A 178 -5.36 -16.05 -21.72
N VAL A 179 -5.80 -17.04 -22.49
N VAL A 179 -5.80 -17.04 -22.49
CA VAL A 179 -5.43 -18.48 -22.32
CA VAL A 179 -5.43 -18.48 -22.30
C VAL A 179 -5.01 -19.05 -23.67
C VAL A 179 -5.02 -19.06 -23.66
N ARG A 180 -3.90 -19.77 -23.69
CA ARG A 180 -3.50 -20.64 -24.82
C ARG A 180 -3.40 -22.06 -24.27
N VAL A 181 -4.17 -22.99 -24.82
CA VAL A 181 -4.06 -24.44 -24.48
C VAL A 181 -3.19 -25.06 -25.57
N CYS A 182 -2.02 -25.59 -25.21
CA CYS A 182 -0.97 -26.02 -26.16
C CYS A 182 -0.16 -27.18 -25.56
N ALA A 183 0.60 -27.88 -26.42
CA ALA A 183 1.41 -29.06 -26.07
C ALA A 183 2.56 -28.64 -25.15
N CYS A 184 3.17 -27.47 -25.42
CA CYS A 184 4.45 -27.03 -24.79
C CYS A 184 4.30 -25.61 -24.25
N PRO A 185 3.65 -25.43 -23.09
CA PRO A 185 3.41 -24.09 -22.53
C PRO A 185 4.68 -23.27 -22.24
N GLY A 186 5.69 -23.93 -21.66
CA GLY A 186 7.01 -23.34 -21.42
C GLY A 186 7.61 -22.72 -22.68
N ARG A 187 7.69 -23.51 -23.75
CA ARG A 187 8.27 -23.09 -25.05
C ARG A 187 7.42 -21.97 -25.64
N ASP A 188 6.09 -22.12 -25.61
CA ASP A 188 5.16 -21.17 -26.28
C ASP A 188 5.17 -19.83 -25.51
N ARG A 189 5.25 -19.86 -24.17
CA ARG A 189 5.38 -18.61 -23.38
C ARG A 189 6.68 -17.89 -23.78
N ARG A 190 7.81 -18.59 -23.78
CA ARG A 190 9.14 -18.03 -24.10
C ARG A 190 9.10 -17.39 -25.50
N THR A 191 8.56 -18.11 -26.48
CA THR A 191 8.45 -17.68 -27.90
C THR A 191 7.60 -16.40 -27.97
N GLU A 192 6.43 -16.39 -27.32
CA GLU A 192 5.48 -15.24 -27.40
C GLU A 192 6.06 -14.01 -26.70
N GLU A 193 6.85 -14.19 -25.62
CA GLU A 193 7.48 -13.07 -24.88
C GLU A 193 8.63 -12.45 -25.69
N GLU A 194 9.33 -13.23 -26.52
CA GLU A 194 10.50 -12.72 -27.31
C GLU A 194 10.04 -11.62 -28.27
N ASN A 195 8.72 -11.53 -28.55
CA ASN A 195 8.07 -10.39 -29.27
C ASN A 195 7.96 -9.16 -28.35
N VAL B 4 -32.56 18.61 -5.01
CA VAL B 4 -31.41 18.18 -4.17
C VAL B 4 -31.46 18.92 -2.83
N PRO B 5 -31.35 18.21 -1.68
CA PRO B 5 -31.33 18.85 -0.37
C PRO B 5 -30.10 19.75 -0.17
N SER B 6 -30.30 20.85 0.56
CA SER B 6 -29.29 21.91 0.81
C SER B 6 -28.10 21.32 1.57
N GLN B 7 -26.88 21.72 1.18
CA GLN B 7 -25.62 21.30 1.83
C GLN B 7 -24.92 22.54 2.44
N LYS B 8 -25.56 23.71 2.38
CA LYS B 8 -24.99 25.00 2.82
C LYS B 8 -24.74 24.98 4.32
N THR B 9 -23.51 25.26 4.75
CA THR B 9 -23.11 25.30 6.18
C THR B 9 -23.90 26.41 6.88
N TYR B 10 -24.31 26.15 8.12
CA TYR B 10 -25.16 27.05 8.93
C TYR B 10 -24.94 26.73 10.41
N GLN B 11 -24.13 27.52 11.11
CA GLN B 11 -23.89 27.34 12.56
C GLN B 11 -25.16 27.71 13.31
N GLY B 12 -25.89 28.70 12.79
CA GLY B 12 -27.17 29.16 13.36
C GLY B 12 -27.02 29.64 14.79
N SER B 13 -28.12 29.54 15.53
CA SER B 13 -28.35 30.27 16.81
C SER B 13 -27.45 29.71 17.92
N TYR B 14 -27.11 28.41 17.85
CA TYR B 14 -26.44 27.64 18.94
C TYR B 14 -24.97 27.40 18.63
N GLY B 15 -24.44 28.00 17.56
CA GLY B 15 -23.03 27.86 17.14
C GLY B 15 -22.67 26.40 16.88
N PHE B 16 -23.41 25.76 15.99
CA PHE B 16 -23.32 24.29 15.69
C PHE B 16 -22.19 24.03 14.69
N ARG B 17 -21.20 23.24 15.10
CA ARG B 17 -20.04 22.79 14.28
C ARG B 17 -19.82 21.29 14.49
N LEU B 18 -19.15 20.63 13.54
CA LEU B 18 -18.74 19.21 13.63
C LEU B 18 -17.29 19.18 14.08
N GLY B 19 -16.91 18.17 14.85
CA GLY B 19 -15.51 17.83 15.17
C GLY B 19 -15.25 16.38 14.86
N PHE B 20 -13.98 16.03 14.70
CA PHE B 20 -13.52 14.66 14.37
C PHE B 20 -12.32 14.32 15.26
N LEU B 21 -12.13 13.05 15.57
CA LEU B 21 -10.93 12.59 16.30
C LEU B 21 -9.70 12.87 15.41
N HIS B 22 -8.57 13.29 16.01
CA HIS B 22 -7.28 13.53 15.30
C HIS B 22 -6.51 12.22 15.31
N SER B 23 -6.91 11.28 14.44
N SER B 23 -6.91 11.27 14.45
CA SER B 23 -6.57 9.83 14.54
CA SER B 23 -6.55 9.83 14.55
C SER B 23 -5.26 9.51 13.80
C SER B 23 -5.25 9.51 13.80
N GLY B 24 -4.86 10.34 12.84
CA GLY B 24 -3.69 10.07 11.97
C GLY B 24 -3.97 8.98 10.93
N THR B 25 -2.92 8.53 10.25
CA THR B 25 -3.00 7.64 9.07
C THR B 25 -2.18 6.36 9.32
N ALA B 26 -2.05 5.91 10.57
CA ALA B 26 -1.36 4.63 10.91
C ALA B 26 -2.18 3.46 10.34
N LYS B 27 -1.51 2.40 9.90
CA LYS B 27 -2.12 1.24 9.19
C LYS B 27 -3.36 0.73 9.96
N SER B 28 -3.32 0.79 11.30
CA SER B 28 -4.32 0.20 12.22
C SER B 28 -5.62 1.00 12.31
N VAL B 29 -5.61 2.26 11.87
N VAL B 29 -5.61 2.27 11.88
CA VAL B 29 -6.75 3.22 12.04
CA VAL B 29 -6.75 3.22 12.06
C VAL B 29 -7.94 2.74 11.21
C VAL B 29 -7.94 2.75 11.21
N THR B 30 -9.12 2.66 11.85
CA THR B 30 -10.38 2.18 11.23
C THR B 30 -11.20 3.34 10.67
N CYS B 31 -10.95 4.57 11.15
N CYS B 31 -10.96 4.57 11.16
CA CYS B 31 -11.62 5.81 10.68
CA CYS B 31 -11.62 5.81 10.67
C CYS B 31 -10.70 7.02 10.91
C CYS B 31 -10.69 7.01 10.91
N THR B 32 -10.53 7.86 9.90
CA THR B 32 -9.62 9.03 9.94
C THR B 32 -10.20 10.16 9.10
N TYR B 33 -10.13 11.38 9.61
CA TYR B 33 -10.66 12.60 8.98
C TYR B 33 -9.50 13.46 8.48
N SER B 34 -9.63 13.95 7.23
CA SER B 34 -8.70 14.90 6.59
C SER B 34 -9.29 16.30 6.67
N PRO B 35 -8.71 17.22 7.48
CA PRO B 35 -9.16 18.61 7.53
C PRO B 35 -8.92 19.33 6.19
N ALA B 36 -7.84 19.00 5.48
CA ALA B 36 -7.45 19.63 4.19
C ALA B 36 -8.52 19.33 3.14
N LEU B 37 -9.10 18.13 3.16
CA LEU B 37 -10.09 17.68 2.13
C LEU B 37 -11.53 17.78 2.67
N ASN B 38 -11.72 18.05 3.97
CA ASN B 38 -13.01 17.91 4.72
C ASN B 38 -13.63 16.56 4.39
N LYS B 39 -12.85 15.49 4.55
CA LYS B 39 -13.22 14.14 4.07
C LYS B 39 -12.89 13.10 5.14
N MET B 40 -13.89 12.31 5.52
N MET B 40 -13.89 12.31 5.52
CA MET B 40 -13.77 11.13 6.40
CA MET B 40 -13.77 11.12 6.40
C MET B 40 -13.42 9.91 5.53
C MET B 40 -13.42 9.90 5.54
N PHE B 41 -12.36 9.18 5.90
CA PHE B 41 -12.02 7.85 5.35
C PHE B 41 -12.34 6.83 6.45
N CYS B 42 -13.21 5.86 6.19
CA CYS B 42 -13.64 4.85 7.20
C CYS B 42 -13.84 3.48 6.55
N GLN B 43 -13.80 2.41 7.35
CA GLN B 43 -14.05 1.01 6.89
C GLN B 43 -15.53 0.67 6.99
N LEU B 44 -16.00 -0.27 6.16
CA LEU B 44 -17.39 -0.81 6.09
C LEU B 44 -17.84 -1.24 7.49
N ALA B 45 -19.00 -0.77 7.94
CA ALA B 45 -19.72 -1.23 9.17
C ALA B 45 -18.96 -0.85 10.44
N LYS B 46 -17.79 -0.20 10.34
CA LYS B 46 -16.97 0.17 11.51
C LYS B 46 -17.43 1.54 12.05
N THR B 47 -17.16 1.76 13.34
CA THR B 47 -17.52 2.97 14.10
C THR B 47 -16.87 4.22 13.49
N CYS B 48 -17.71 5.20 13.14
N CYS B 48 -17.72 5.19 13.14
CA CYS B 48 -17.31 6.54 12.64
CA CYS B 48 -17.31 6.54 12.65
C CYS B 48 -17.79 7.59 13.62
C CYS B 48 -17.79 7.59 13.63
N PRO B 49 -16.94 8.00 14.62
CA PRO B 49 -17.32 9.05 15.54
C PRO B 49 -17.44 10.40 14.81
N VAL B 50 -18.58 11.06 14.99
CA VAL B 50 -18.79 12.47 14.57
C VAL B 50 -19.14 13.24 15.83
N GLN B 51 -18.38 14.29 16.13
CA GLN B 51 -18.63 15.16 17.30
C GLN B 51 -19.56 16.31 16.89
N LEU B 52 -20.57 16.58 17.72
CA LEU B 52 -21.42 17.79 17.66
C LEU B 52 -20.89 18.81 18.68
N TRP B 53 -20.51 20.00 18.22
CA TRP B 53 -20.08 21.11 19.10
C TRP B 53 -21.13 22.22 19.01
N VAL B 54 -21.58 22.71 20.17
CA VAL B 54 -22.51 23.87 20.28
C VAL B 54 -21.93 24.87 21.28
N ASP B 55 -22.17 26.17 21.02
CA ASP B 55 -21.80 27.28 21.93
C ASP B 55 -22.83 27.33 23.07
N SER B 56 -24.08 26.96 22.78
CA SER B 56 -25.21 26.97 23.73
C SER B 56 -26.08 25.73 23.50
N THR B 57 -26.64 25.18 24.59
CA THR B 57 -27.46 23.94 24.59
C THR B 57 -28.77 24.19 23.85
N PRO B 58 -29.00 23.51 22.69
CA PRO B 58 -30.27 23.58 21.97
C PRO B 58 -31.46 23.20 22.86
N PRO B 59 -32.69 23.60 22.48
CA PRO B 59 -33.87 23.36 23.29
C PRO B 59 -34.21 21.87 23.43
N PRO B 60 -35.00 21.47 24.46
CA PRO B 60 -35.44 20.09 24.60
C PRO B 60 -36.15 19.61 23.33
N GLY B 61 -35.91 18.33 22.94
CA GLY B 61 -36.54 17.68 21.78
C GLY B 61 -35.79 17.95 20.49
N THR B 62 -34.69 18.68 20.55
CA THR B 62 -33.76 18.87 19.41
C THR B 62 -33.34 17.50 18.85
N ARG B 63 -33.26 17.39 17.52
CA ARG B 63 -32.94 16.11 16.84
C ARG B 63 -31.74 16.33 15.91
N VAL B 64 -31.01 15.24 15.63
CA VAL B 64 -29.81 15.22 14.74
C VAL B 64 -30.06 14.20 13.62
N ARG B 65 -30.15 14.69 12.39
CA ARG B 65 -30.35 13.89 11.16
C ARG B 65 -29.04 13.83 10.38
N ALA B 66 -28.75 12.65 9.83
CA ALA B 66 -27.67 12.36 8.87
C ALA B 66 -28.31 11.89 7.56
N MET B 67 -27.78 12.38 6.43
CA MET B 67 -28.28 12.04 5.07
C MET B 67 -27.09 12.10 4.09
N ALA B 68 -27.01 11.12 3.19
CA ALA B 68 -25.98 11.05 2.14
C ALA B 68 -26.56 11.61 0.84
N ILE B 69 -25.75 12.37 0.11
CA ILE B 69 -26.01 12.74 -1.31
C ILE B 69 -24.70 12.46 -2.07
N TYR B 70 -24.81 12.25 -3.40
CA TYR B 70 -23.64 12.17 -4.31
C TYR B 70 -23.07 13.58 -4.47
N LYS B 71 -21.75 13.68 -4.52
CA LYS B 71 -21.03 14.98 -4.54
C LYS B 71 -21.11 15.58 -5.94
N GLN B 72 -20.98 14.74 -6.97
CA GLN B 72 -20.90 15.16 -8.40
C GLN B 72 -22.29 15.62 -8.87
N SER B 73 -22.33 16.70 -9.65
CA SER B 73 -23.58 17.39 -10.07
C SER B 73 -24.43 16.48 -10.96
N GLN B 74 -23.79 15.60 -11.74
CA GLN B 74 -24.49 14.71 -12.71
C GLN B 74 -25.12 13.51 -11.99
N HIS B 75 -24.80 13.28 -10.70
CA HIS B 75 -25.30 12.12 -9.91
C HIS B 75 -26.16 12.58 -8.72
N MET B 76 -26.35 13.89 -8.57
CA MET B 76 -26.80 14.52 -7.30
C MET B 76 -28.28 14.22 -7.02
N THR B 77 -29.09 14.06 -8.07
CA THR B 77 -30.55 13.78 -7.98
C THR B 77 -30.78 12.28 -7.74
N GLU B 78 -29.75 11.44 -7.81
CA GLU B 78 -29.84 9.99 -7.54
C GLU B 78 -29.79 9.79 -6.02
N VAL B 79 -30.71 8.97 -5.48
CA VAL B 79 -30.76 8.63 -4.03
C VAL B 79 -29.59 7.70 -3.73
N VAL B 80 -28.84 8.01 -2.66
CA VAL B 80 -27.72 7.16 -2.20
C VAL B 80 -28.33 6.00 -1.41
N ARG B 81 -28.08 4.77 -1.87
CA ARG B 81 -28.56 3.52 -1.21
C ARG B 81 -27.45 2.46 -1.27
N ARG B 82 -27.62 1.39 -0.50
CA ARG B 82 -26.74 0.21 -0.54
C ARG B 82 -26.90 -0.50 -1.89
N CYS B 83 -25.86 -1.23 -2.30
CA CYS B 83 -25.88 -2.13 -3.48
C CYS B 83 -26.81 -3.30 -3.18
N PRO B 84 -27.36 -3.98 -4.20
CA PRO B 84 -28.16 -5.19 -3.98
C PRO B 84 -27.47 -6.13 -2.96
N HIS B 85 -26.18 -6.44 -3.16
CA HIS B 85 -25.42 -7.43 -2.37
C HIS B 85 -25.52 -7.11 -0.87
N HIS B 86 -25.18 -5.89 -0.46
CA HIS B 86 -25.12 -5.48 0.96
C HIS B 86 -26.54 -5.38 1.53
N GLU B 87 -27.51 -4.96 0.72
CA GLU B 87 -28.94 -4.88 1.10
C GLU B 87 -29.43 -6.25 1.57
N ARG B 88 -28.99 -7.36 0.94
CA ARG B 88 -29.47 -8.74 1.26
C ARG B 88 -28.61 -9.40 2.35
N CYS B 89 -27.42 -8.86 2.67
CA CYS B 89 -26.44 -9.48 3.60
C CYS B 89 -26.96 -9.37 5.04
N SER B 90 -26.64 -10.37 5.87
CA SER B 90 -26.93 -10.43 7.33
C SER B 90 -26.01 -9.48 8.10
N ASP B 91 -26.03 -8.16 7.80
CA ASP B 91 -25.32 -7.10 8.58
C ASP B 91 -26.39 -6.15 9.15
N SER B 92 -27.35 -6.68 9.90
CA SER B 92 -28.60 -5.99 10.33
C SER B 92 -28.66 -5.92 11.87
N ASP B 93 -28.95 -4.74 12.40
CA ASP B 93 -29.03 -4.49 13.86
C ASP B 93 -30.49 -4.55 14.32
N GLY B 94 -31.43 -4.92 13.44
CA GLY B 94 -32.88 -5.01 13.72
C GLY B 94 -33.60 -3.67 13.66
N LEU B 95 -32.88 -2.55 13.50
CA LEU B 95 -33.49 -1.19 13.56
C LEU B 95 -33.43 -0.53 12.19
N ALA B 96 -32.31 -0.65 11.46
CA ALA B 96 -32.05 0.09 10.20
C ALA B 96 -32.71 -0.63 9.02
N PRO B 97 -33.37 0.10 8.09
CA PRO B 97 -33.84 -0.52 6.85
C PRO B 97 -32.63 -1.09 6.12
N PRO B 98 -32.79 -2.25 5.44
CA PRO B 98 -31.67 -2.88 4.74
C PRO B 98 -31.08 -2.01 3.61
N GLN B 99 -31.84 -1.06 3.07
CA GLN B 99 -31.46 -0.18 1.94
C GLN B 99 -30.57 0.99 2.39
N HIS B 100 -30.61 1.37 3.67
CA HIS B 100 -30.00 2.62 4.20
C HIS B 100 -28.48 2.48 4.29
N LEU B 101 -27.76 3.41 3.67
CA LEU B 101 -26.28 3.44 3.74
C LEU B 101 -25.82 3.77 5.14
N ILE B 102 -26.46 4.75 5.82
CA ILE B 102 -25.95 5.35 7.09
C ILE B 102 -26.78 4.82 8.26
N ARG B 103 -26.11 4.17 9.20
CA ARG B 103 -26.74 3.70 10.46
C ARG B 103 -26.14 4.48 11.63
N VAL B 104 -26.87 4.54 12.74
CA VAL B 104 -26.29 4.93 14.05
C VAL B 104 -26.21 3.65 14.91
N GLU B 105 -25.07 3.45 15.55
CA GLU B 105 -24.85 2.30 16.46
C GLU B 105 -24.93 2.81 17.90
N GLY B 106 -25.34 1.94 18.83
CA GLY B 106 -25.37 2.20 20.28
C GLY B 106 -26.42 3.22 20.69
N ASN B 107 -27.50 3.39 19.92
CA ASN B 107 -28.59 4.32 20.29
C ASN B 107 -29.95 3.68 19.99
N LEU B 108 -30.64 3.23 21.04
CA LEU B 108 -31.94 2.51 20.89
C LEU B 108 -33.05 3.49 20.52
N ARG B 109 -32.82 4.80 20.54
CA ARG B 109 -33.85 5.83 20.23
CA ARG B 109 -33.86 5.83 20.23
C ARG B 109 -33.70 6.32 18.79
N VAL B 110 -32.76 5.73 18.04
CA VAL B 110 -32.55 6.00 16.58
C VAL B 110 -33.86 5.79 15.81
N GLU B 111 -34.09 6.62 14.79
CA GLU B 111 -35.29 6.58 13.92
C GLU B 111 -34.82 6.73 12.47
N TYR B 112 -35.40 5.96 11.54
CA TYR B 112 -35.02 5.95 10.10
C TYR B 112 -36.19 6.46 9.26
N LEU B 113 -35.90 7.24 8.22
CA LEU B 113 -36.93 7.84 7.35
C LEU B 113 -36.63 7.50 5.90
N ASP B 114 -37.63 6.94 5.21
CA ASP B 114 -37.77 6.98 3.73
C ASP B 114 -38.72 8.13 3.44
N ASP B 115 -38.19 9.26 2.94
CA ASP B 115 -38.96 10.51 2.71
C ASP B 115 -40.05 10.19 1.69
N ARG B 116 -41.30 10.48 2.03
CA ARG B 116 -42.50 10.19 1.21
C ARG B 116 -42.38 10.81 -0.20
N ASN B 117 -41.69 11.95 -0.36
CA ASN B 117 -41.72 12.73 -1.63
C ASN B 117 -40.36 12.70 -2.35
N THR B 118 -39.23 12.78 -1.63
CA THR B 118 -37.87 12.79 -2.24
C THR B 118 -37.34 11.36 -2.36
N PHE B 119 -37.88 10.42 -1.57
CA PHE B 119 -37.44 9.01 -1.50
C PHE B 119 -36.03 8.92 -0.92
N ARG B 120 -35.49 10.03 -0.42
CA ARG B 120 -34.13 10.07 0.19
C ARG B 120 -34.21 9.41 1.57
N HIS B 121 -33.12 8.76 1.96
CA HIS B 121 -32.97 8.05 3.27
C HIS B 121 -32.28 8.97 4.28
N SER B 122 -32.64 8.88 5.55
CA SER B 122 -31.93 9.59 6.62
C SER B 122 -32.15 8.87 7.95
N VAL B 123 -31.24 9.11 8.88
CA VAL B 123 -31.27 8.50 10.25
C VAL B 123 -31.23 9.67 11.23
N VAL B 124 -32.09 9.63 12.25
N VAL B 124 -32.09 9.63 12.24
CA VAL B 124 -32.27 10.75 13.22
CA VAL B 124 -32.27 10.74 13.22
C VAL B 124 -32.15 10.19 14.65
C VAL B 124 -32.13 10.18 14.65
N VAL B 125 -31.42 10.90 15.52
CA VAL B 125 -31.30 10.58 16.96
C VAL B 125 -31.66 11.83 17.74
N PRO B 126 -32.16 11.70 18.99
CA PRO B 126 -32.29 12.85 19.89
C PRO B 126 -30.89 13.45 20.12
N TYR B 127 -30.84 14.78 20.21
CA TYR B 127 -29.65 15.51 20.68
C TYR B 127 -29.52 15.25 22.18
N GLU B 128 -28.35 14.80 22.61
CA GLU B 128 -27.98 14.72 24.04
C GLU B 128 -26.81 15.66 24.26
N PRO B 129 -26.81 16.42 25.37
CA PRO B 129 -25.71 17.32 25.68
C PRO B 129 -24.47 16.51 26.00
N PRO B 130 -23.28 17.14 25.98
CA PRO B 130 -22.04 16.44 26.32
C PRO B 130 -22.15 15.78 27.70
N GLU B 131 -21.40 14.69 27.91
CA GLU B 131 -21.29 14.03 29.24
C GLU B 131 -20.45 14.91 30.16
N VAL B 132 -20.61 14.72 31.47
CA VAL B 132 -19.81 15.36 32.55
C VAL B 132 -18.32 15.17 32.23
N GLY B 133 -17.59 16.27 32.01
CA GLY B 133 -16.17 16.28 31.65
C GLY B 133 -15.93 16.79 30.23
N SER B 134 -16.78 16.40 29.28
CA SER B 134 -16.56 16.52 27.82
C SER B 134 -17.25 17.78 27.29
N ASP B 135 -16.80 18.29 26.14
CA ASP B 135 -17.24 19.58 25.55
C ASP B 135 -17.99 19.33 24.23
N CYS B 136 -18.22 18.07 23.85
CA CYS B 136 -18.92 17.73 22.58
C CYS B 136 -19.78 16.50 22.75
N THR B 137 -20.73 16.28 21.83
CA THR B 137 -21.57 15.06 21.77
C THR B 137 -21.06 14.21 20.61
N THR B 138 -20.76 12.94 20.88
CA THR B 138 -20.28 11.98 19.86
C THR B 138 -21.44 11.10 19.42
N ILE B 139 -21.66 11.03 18.10
CA ILE B 139 -22.55 10.04 17.43
C ILE B 139 -21.65 9.04 16.69
N HIS B 140 -22.00 7.76 16.81
CA HIS B 140 -21.28 6.64 16.13
C HIS B 140 -22.08 6.26 14.89
N TYR B 141 -21.64 6.74 13.72
CA TYR B 141 -22.19 6.35 12.41
C TYR B 141 -21.48 5.07 11.91
N ASN B 142 -22.23 4.23 11.21
CA ASN B 142 -21.72 3.10 10.39
C ASN B 142 -22.13 3.34 8.94
N TYR B 143 -21.19 3.22 8.01
CA TYR B 143 -21.46 3.21 6.54
C TYR B 143 -21.45 1.74 6.11
N MET B 144 -22.54 1.31 5.49
CA MET B 144 -22.88 -0.13 5.30
C MET B 144 -22.61 -0.58 3.85
N CYS B 145 -21.90 0.22 3.07
CA CYS B 145 -21.40 -0.09 1.71
C CYS B 145 -20.04 0.57 1.51
N ASN B 146 -19.14 -0.08 0.78
CA ASN B 146 -17.84 0.47 0.32
C ASN B 146 -18.10 1.43 -0.84
N SER B 147 -17.31 2.50 -0.93
CA SER B 147 -17.31 3.47 -2.07
C SER B 147 -17.16 2.71 -3.39
N SER B 148 -16.42 1.59 -3.38
CA SER B 148 -16.08 0.75 -4.56
C SER B 148 -17.23 -0.17 -4.97
N CYS B 149 -18.24 -0.40 -4.12
CA CYS B 149 -19.33 -1.40 -4.33
C CYS B 149 -19.96 -1.24 -5.73
N MET B 150 -19.79 -2.28 -6.56
CA MET B 150 -20.47 -2.47 -7.87
C MET B 150 -21.98 -2.46 -7.62
N GLY B 151 -22.74 -1.70 -8.42
CA GLY B 151 -24.20 -1.64 -8.32
C GLY B 151 -24.68 -0.87 -7.11
N GLY B 152 -23.80 -0.04 -6.53
CA GLY B 152 -24.12 0.87 -5.42
C GLY B 152 -23.55 2.24 -5.68
N MET B 153 -22.72 2.76 -4.76
CA MET B 153 -22.01 4.05 -4.99
C MET B 153 -21.05 3.90 -6.18
N ASN B 154 -20.44 2.72 -6.34
CA ASN B 154 -19.63 2.33 -7.52
C ASN B 154 -18.61 3.45 -7.82
N ARG B 155 -17.81 3.79 -6.82
CA ARG B 155 -16.61 4.66 -6.88
C ARG B 155 -17.01 6.14 -6.93
N ARG B 156 -18.31 6.45 -6.92
CA ARG B 156 -18.79 7.86 -6.89
C ARG B 156 -18.68 8.43 -5.48
N PRO B 157 -18.07 9.63 -5.33
CA PRO B 157 -17.92 10.25 -4.01
C PRO B 157 -19.26 10.77 -3.47
N ILE B 158 -19.43 10.71 -2.15
CA ILE B 158 -20.66 11.16 -1.45
C ILE B 158 -20.30 12.19 -0.38
N LEU B 159 -21.27 13.04 -0.03
CA LEU B 159 -21.25 13.91 1.18
C LEU B 159 -22.24 13.33 2.19
N THR B 160 -21.91 13.42 3.48
CA THR B 160 -22.89 13.32 4.59
C THR B 160 -23.26 14.72 5.04
N ILE B 161 -24.55 15.02 5.14
CA ILE B 161 -25.11 16.29 5.67
C ILE B 161 -25.69 16.01 7.05
N ILE B 162 -25.16 16.66 8.09
CA ILE B 162 -25.65 16.58 9.51
C ILE B 162 -26.46 17.85 9.79
N THR B 163 -27.76 17.70 10.01
CA THR B 163 -28.66 18.83 10.32
C THR B 163 -29.13 18.71 11.77
N LEU B 164 -29.16 19.83 12.46
CA LEU B 164 -29.74 19.97 13.81
C LEU B 164 -31.14 20.55 13.63
N GLU B 165 -32.18 19.88 14.12
CA GLU B 165 -33.58 20.34 13.98
C GLU B 165 -34.25 20.38 15.35
N ASP B 166 -35.27 21.23 15.49
CA ASP B 166 -36.11 21.26 16.72
C ASP B 166 -37.11 20.12 16.61
N SER B 167 -37.95 19.97 17.62
CA SER B 167 -38.92 18.85 17.76
C SER B 167 -39.93 18.89 16.59
N SER B 168 -40.17 20.07 16.00
CA SER B 168 -41.13 20.26 14.88
C SER B 168 -40.47 20.06 13.51
N GLY B 169 -39.15 19.87 13.48
CA GLY B 169 -38.37 19.67 12.23
C GLY B 169 -37.85 20.97 11.64
N ASN B 170 -37.92 22.09 12.36
CA ASN B 170 -37.36 23.39 11.92
C ASN B 170 -35.82 23.30 11.97
N LEU B 171 -35.15 23.74 10.90
CA LEU B 171 -33.66 23.75 10.79
C LEU B 171 -33.07 24.66 11.87
N LEU B 172 -32.16 24.15 12.72
CA LEU B 172 -31.38 24.93 13.71
C LEU B 172 -29.92 25.11 13.25
N GLY B 173 -29.37 24.12 12.56
CA GLY B 173 -27.95 24.12 12.14
C GLY B 173 -27.66 23.03 11.12
N ARG B 174 -26.67 23.23 10.26
CA ARG B 174 -26.27 22.26 9.22
C ARG B 174 -24.76 22.35 8.98
N ASN B 175 -24.12 21.18 8.84
N ASN B 175 -24.13 21.19 8.85
CA ASN B 175 -22.72 21.02 8.39
CA ASN B 175 -22.73 21.02 8.36
C ASN B 175 -22.67 19.80 7.46
C ASN B 175 -22.67 19.81 7.45
N SER B 176 -21.51 19.54 6.86
CA SER B 176 -21.31 18.45 5.87
C SER B 176 -19.83 18.08 5.81
N PHE B 177 -19.54 16.87 5.35
CA PHE B 177 -18.19 16.35 5.10
C PHE B 177 -18.29 15.25 4.03
N GLU B 178 -17.28 15.16 3.16
CA GLU B 178 -17.14 14.08 2.16
C GLU B 178 -16.79 12.81 2.93
N VAL B 179 -17.21 11.66 2.41
CA VAL B 179 -16.94 10.31 3.00
C VAL B 179 -16.40 9.39 1.90
N ARG B 180 -15.34 8.64 2.21
CA ARG B 180 -14.89 7.47 1.43
C ARG B 180 -14.95 6.26 2.36
N VAL B 181 -15.70 5.23 2.00
CA VAL B 181 -15.73 3.95 2.74
C VAL B 181 -14.78 3.01 2.01
N CYS B 182 -13.69 2.58 2.66
CA CYS B 182 -12.57 1.85 2.00
C CYS B 182 -11.89 0.90 3.00
N ALA B 183 -11.11 -0.05 2.49
CA ALA B 183 -10.44 -1.13 3.26
C ALA B 183 -9.34 -0.53 4.15
N CYS B 184 -8.61 0.46 3.64
N CYS B 184 -8.60 0.45 3.64
CA CYS B 184 -7.41 1.05 4.30
CA CYS B 184 -7.40 1.04 4.29
C CYS B 184 -7.53 2.56 4.33
C CYS B 184 -7.52 2.56 4.34
N PRO B 185 -8.30 3.11 5.31
CA PRO B 185 -8.50 4.56 5.42
C PRO B 185 -7.20 5.37 5.60
N GLY B 186 -6.30 4.88 6.47
CA GLY B 186 -4.98 5.49 6.72
C GLY B 186 -4.23 5.68 5.41
N ARG B 187 -4.06 4.61 4.64
CA ARG B 187 -3.31 4.61 3.35
C ARG B 187 -4.01 5.53 2.35
N ASP B 188 -5.33 5.43 2.25
CA ASP B 188 -6.12 6.19 1.25
C ASP B 188 -6.10 7.70 1.59
N ARG B 189 -6.19 8.06 2.88
CA ARG B 189 -6.06 9.49 3.29
C ARG B 189 -4.67 10.00 2.87
N ARG B 190 -3.61 9.29 3.24
CA ARG B 190 -2.20 9.70 2.96
C ARG B 190 -2.02 9.92 1.46
N THR B 191 -2.48 8.95 0.66
CA THR B 191 -2.38 8.96 -0.82
C THR B 191 -3.12 10.18 -1.37
N GLU B 192 -4.36 10.41 -0.93
CA GLU B 192 -5.22 11.51 -1.46
C GLU B 192 -4.63 12.88 -1.08
N GLU B 193 -4.01 13.00 0.09
CA GLU B 193 -3.41 14.27 0.58
C GLU B 193 -2.13 14.60 -0.21
N GLU B 194 -1.38 13.60 -0.67
CA GLU B 194 -0.16 13.77 -1.49
C GLU B 194 -0.44 14.62 -2.74
N ASN B 195 -1.69 14.65 -3.23
CA ASN B 195 -2.13 15.62 -4.26
C ASN B 195 -2.53 16.94 -3.60
N SER C 3 3.74 6.56 28.96
CA SER C 3 4.13 7.16 30.28
C SER C 3 4.96 8.43 30.02
N VAL C 4 6.18 8.27 29.46
CA VAL C 4 6.97 9.38 28.84
C VAL C 4 7.64 8.90 27.55
N PRO C 5 7.48 9.61 26.42
CA PRO C 5 8.21 9.28 25.20
C PRO C 5 9.71 9.56 25.34
N SER C 6 10.53 8.73 24.72
CA SER C 6 12.02 8.81 24.74
C SER C 6 12.47 10.14 24.11
N GLN C 7 13.48 10.77 24.71
CA GLN C 7 14.13 12.00 24.20
C GLN C 7 15.58 11.70 23.84
N LYS C 8 16.02 10.44 23.92
CA LYS C 8 17.43 10.03 23.69
C LYS C 8 17.79 10.27 22.22
N THR C 9 18.86 11.03 21.97
CA THR C 9 19.37 11.33 20.61
C THR C 9 19.78 10.02 19.93
N TYR C 10 19.51 9.92 18.63
CA TYR C 10 19.72 8.71 17.80
C TYR C 10 19.88 9.15 16.35
N GLN C 11 21.11 9.26 15.86
CA GLN C 11 21.39 9.64 14.45
C GLN C 11 20.94 8.47 13.55
N GLY C 12 21.09 7.25 14.06
CA GLY C 12 20.63 6.02 13.38
C GLY C 12 21.30 5.85 12.03
N SER C 13 20.60 5.14 11.14
CA SER C 13 21.18 4.52 9.92
C SER C 13 21.53 5.59 8.89
N TYR C 14 20.80 6.71 8.88
CA TYR C 14 20.88 7.76 7.82
C TYR C 14 21.64 9.00 8.30
N GLY C 15 22.26 8.93 9.49
CA GLY C 15 23.06 10.03 10.06
C GLY C 15 22.24 11.29 10.25
N PHE C 16 21.13 11.18 10.97
CA PHE C 16 20.09 12.23 11.12
C PHE C 16 20.48 13.20 12.24
N ARG C 17 20.66 14.49 11.89
CA ARG C 17 20.97 15.60 12.82
C ARG C 17 20.08 16.81 12.49
N LEU C 18 19.90 17.72 13.43
CA LEU C 18 19.14 18.98 13.24
C LEU C 18 20.14 20.10 13.01
N GLY C 19 19.76 21.10 12.21
CA GLY C 19 20.51 22.35 12.04
C GLY C 19 19.57 23.53 12.24
N PHE C 20 20.13 24.70 12.53
CA PHE C 20 19.40 25.95 12.81
C PHE C 20 20.11 27.08 12.08
N LEU C 21 19.37 28.13 11.70
CA LEU C 21 19.98 29.36 11.14
C LEU C 21 20.84 30.01 12.22
N HIS C 22 21.98 30.57 11.84
CA HIS C 22 22.89 31.35 12.75
C HIS C 22 22.42 32.81 12.72
N SER C 23 21.34 33.09 13.44
N SER C 23 21.32 33.10 13.42
CA SER C 23 20.53 34.34 13.29
CA SER C 23 20.53 34.36 13.28
C SER C 23 21.05 35.47 14.18
C SER C 23 21.05 35.48 14.19
N GLY C 24 21.79 35.15 15.24
CA GLY C 24 22.24 36.13 16.25
C GLY C 24 21.12 36.59 17.17
N THR C 25 21.37 37.62 17.97
CA THR C 25 20.48 38.09 19.07
C THR C 25 20.11 39.57 18.86
N ALA C 26 20.08 40.06 17.62
CA ALA C 26 19.68 41.45 17.29
C ALA C 26 18.19 41.63 17.62
N LYS C 27 17.81 42.84 18.04
CA LYS C 27 16.44 43.23 18.48
C LYS C 27 15.39 42.68 17.51
N SER C 28 15.68 42.66 16.20
CA SER C 28 14.72 42.34 15.11
C SER C 28 14.41 40.84 14.98
N VAL C 29 15.26 39.98 15.56
N VAL C 29 15.26 39.98 15.55
CA VAL C 29 15.23 38.51 15.32
CA VAL C 29 15.23 38.50 15.31
C VAL C 29 13.96 37.92 15.95
C VAL C 29 13.96 37.92 15.95
N THR C 30 13.20 37.15 15.16
CA THR C 30 11.91 36.53 15.57
C THR C 30 12.14 35.10 16.07
N CYS C 31 13.27 34.48 15.70
N CYS C 31 13.24 34.44 15.66
CA CYS C 31 13.67 33.12 16.15
CA CYS C 31 13.67 33.13 16.18
C CYS C 31 15.20 33.01 16.13
C CYS C 31 15.20 33.01 16.14
N THR C 32 15.79 32.50 17.21
CA THR C 32 17.26 32.39 17.36
C THR C 32 17.57 31.14 18.19
N TYR C 33 18.59 30.40 17.76
CA TYR C 33 19.04 29.13 18.39
C TYR C 33 20.36 29.37 19.11
N SER C 34 20.45 28.88 20.35
CA SER C 34 21.67 28.87 21.18
C SER C 34 22.31 27.48 21.10
N PRO C 35 23.48 27.33 20.44
CA PRO C 35 24.20 26.05 20.43
C PRO C 35 24.70 25.68 21.83
N ALA C 36 25.08 26.65 22.65
CA ALA C 36 25.61 26.43 24.01
C ALA C 36 24.53 25.78 24.89
N LEU C 37 23.26 26.16 24.72
CA LEU C 37 22.14 25.69 25.56
C LEU C 37 21.33 24.61 24.84
N ASN C 38 21.58 24.36 23.54
CA ASN C 38 20.73 23.56 22.61
C ASN C 38 19.27 24.01 22.79
N LYS C 39 19.04 25.32 22.65
CA LYS C 39 17.74 25.94 22.99
C LYS C 39 17.36 26.94 21.92
N MET C 40 16.16 26.77 21.35
N MET C 40 16.16 26.76 21.35
CA MET C 40 15.50 27.72 20.41
CA MET C 40 15.50 27.71 20.41
C MET C 40 14.73 28.75 21.24
C MET C 40 14.73 28.75 21.24
N PHE C 41 14.95 30.04 20.98
CA PHE C 41 14.13 31.16 21.50
C PHE C 41 13.32 31.68 20.31
N CYS C 42 12.00 31.68 20.37
CA CYS C 42 11.13 32.09 19.24
C CYS C 42 9.90 32.86 19.76
N GLN C 43 9.28 33.65 18.90
CA GLN C 43 8.02 34.37 19.20
C GLN C 43 6.83 33.48 18.84
N LEU C 44 5.71 33.70 19.52
CA LEU C 44 4.39 33.02 19.29
C LEU C 44 3.98 33.15 17.82
N ALA C 45 3.63 32.02 17.21
CA ALA C 45 3.00 31.92 15.87
C ALA C 45 3.98 32.33 14.76
N LYS C 46 5.21 32.72 15.08
CA LYS C 46 6.23 33.12 14.09
C LYS C 46 6.97 31.88 13.55
N THR C 47 7.49 32.00 12.33
CA THR C 47 8.25 30.95 11.61
C THR C 47 9.50 30.53 12.40
N CYS C 48 9.60 29.24 12.70
N CYS C 48 9.60 29.24 12.69
CA CYS C 48 10.77 28.59 13.34
CA CYS C 48 10.75 28.59 13.36
C CYS C 48 11.36 27.58 12.38
C CYS C 48 11.36 27.57 12.38
N PRO C 49 12.35 27.96 11.55
CA PRO C 49 13.00 27.01 10.65
C PRO C 49 13.80 25.97 11.46
N VAL C 50 13.56 24.70 11.17
CA VAL C 50 14.36 23.56 11.70
C VAL C 50 14.87 22.82 10.47
N GLN C 51 16.18 22.66 10.37
CA GLN C 51 16.85 21.93 9.27
C GLN C 51 17.00 20.46 9.66
N LEU C 52 16.66 19.56 8.73
CA LEU C 52 16.97 18.12 8.81
C LEU C 52 18.23 17.85 7.96
N TRP C 53 19.27 17.31 8.58
CA TRP C 53 20.52 16.90 7.89
C TRP C 53 20.62 15.37 7.95
N VAL C 54 20.86 14.73 6.80
CA VAL C 54 21.06 13.25 6.68
C VAL C 54 22.33 13.00 5.86
N ASP C 55 23.06 11.94 6.21
CA ASP C 55 24.27 11.46 5.48
C ASP C 55 23.79 10.70 4.23
N SER C 56 22.63 10.04 4.33
CA SER C 56 22.02 9.26 3.22
C SER C 56 20.51 9.52 3.19
N THR C 57 19.94 9.60 1.98
CA THR C 57 18.51 9.90 1.73
C THR C 57 17.65 8.74 2.24
N PRO C 58 16.80 8.97 3.27
CA PRO C 58 15.84 7.97 3.70
C PRO C 58 14.89 7.55 2.57
N PRO C 59 14.26 6.37 2.66
CA PRO C 59 13.40 5.86 1.58
C PRO C 59 12.14 6.72 1.40
N PRO C 60 11.49 6.66 0.21
CA PRO C 60 10.21 7.34 0.01
C PRO C 60 9.20 6.90 1.06
N GLY C 61 8.35 7.83 1.54
CA GLY C 61 7.32 7.56 2.56
C GLY C 61 7.84 7.75 3.97
N THR C 62 9.13 8.08 4.12
CA THR C 62 9.72 8.54 5.40
C THR C 62 8.92 9.75 5.91
N ARG C 63 8.70 9.82 7.22
CA ARG C 63 7.89 10.90 7.83
C ARG C 63 8.71 11.58 8.94
N VAL C 64 8.38 12.85 9.21
CA VAL C 64 9.00 13.69 10.28
C VAL C 64 7.92 14.13 11.25
N ARG C 65 7.99 13.66 12.49
CA ARG C 65 7.08 14.02 13.60
C ARG C 65 7.80 14.98 14.56
N ALA C 66 7.04 15.97 15.05
CA ALA C 66 7.41 16.89 16.13
C ALA C 66 6.43 16.68 17.29
N MET C 67 6.96 16.64 18.51
CA MET C 67 6.18 16.45 19.76
C MET C 67 6.87 17.24 20.88
N ALA C 68 6.10 17.93 21.71
CA ALA C 68 6.60 18.67 22.88
C ALA C 68 6.41 17.79 24.11
N ILE C 69 7.40 17.81 25.01
CA ILE C 69 7.28 17.27 26.40
C ILE C 69 7.86 18.35 27.31
N TYR C 70 7.47 18.33 28.58
CA TYR C 70 8.06 19.16 29.66
C TYR C 70 9.44 18.60 29.97
N LYS C 71 10.41 19.48 30.21
CA LYS C 71 11.83 19.12 30.39
C LYS C 71 12.02 18.54 31.80
N GLN C 72 11.35 19.12 32.79
CA GLN C 72 11.51 18.81 34.24
C GLN C 72 10.86 17.46 34.53
N SER C 73 11.51 16.64 35.36
CA SER C 73 11.10 15.23 35.65
CA SER C 73 11.10 15.24 35.64
C SER C 73 9.74 15.19 36.35
N GLN C 74 9.45 16.21 37.16
CA GLN C 74 8.20 16.27 37.97
C GLN C 74 6.99 16.68 37.10
N HIS C 75 7.22 17.15 35.87
CA HIS C 75 6.15 17.63 34.94
C HIS C 75 6.08 16.77 33.67
N MET C 76 6.92 15.74 33.56
CA MET C 76 7.21 15.04 32.29
C MET C 76 6.01 14.19 31.83
N THR C 77 5.21 13.68 32.78
CA THR C 77 4.02 12.84 32.51
C THR C 77 2.82 13.70 32.13
N GLU C 78 2.92 15.03 32.25
CA GLU C 78 1.84 15.98 31.85
C GLU C 78 1.95 16.21 30.33
N VAL C 79 0.83 16.13 29.61
CA VAL C 79 0.77 16.41 28.14
C VAL C 79 0.94 17.91 27.93
N VAL C 80 1.83 18.32 27.01
CA VAL C 80 2.02 19.75 26.65
C VAL C 80 0.89 20.14 25.69
N ARG C 81 0.08 21.13 26.11
CA ARG C 81 -1.03 21.68 25.31
C ARG C 81 -1.07 23.19 25.48
N ARG C 82 -1.83 23.85 24.61
CA ARG C 82 -2.11 25.30 24.69
C ARG C 82 -2.95 25.60 25.93
N CYS C 83 -2.87 26.83 26.42
CA CYS C 83 -3.72 27.35 27.52
C CYS C 83 -5.15 27.50 27.00
N PRO C 84 -6.17 27.50 27.87
CA PRO C 84 -7.55 27.75 27.44
C PRO C 84 -7.64 28.94 26.46
N HIS C 85 -7.03 30.07 26.81
CA HIS C 85 -7.12 31.35 26.05
C HIS C 85 -6.71 31.13 24.59
N HIS C 86 -5.53 30.57 24.36
CA HIS C 86 -4.96 30.40 22.99
C HIS C 86 -5.74 29.32 22.23
N GLU C 87 -6.23 28.30 22.93
CA GLU C 87 -7.08 27.22 22.35
C GLU C 87 -8.31 27.84 21.68
N ARG C 88 -8.93 28.87 22.27
CA ARG C 88 -10.17 29.51 21.73
C ARG C 88 -9.97 29.77 20.23
N SER C 92 -7.36 29.16 13.48
CA SER C 92 -7.28 30.09 12.31
C SER C 92 -6.81 29.38 11.05
N ASP C 93 -6.00 28.31 11.17
CA ASP C 93 -5.22 27.75 10.02
C ASP C 93 -6.04 26.65 9.30
N GLY C 94 -7.10 26.15 9.94
CA GLY C 94 -8.05 25.19 9.35
C GLY C 94 -7.60 23.73 9.46
N LEU C 95 -6.33 23.47 9.79
CA LEU C 95 -5.76 22.09 9.73
C LEU C 95 -5.42 21.60 11.13
N ALA C 96 -4.82 22.46 11.97
CA ALA C 96 -4.26 22.09 13.30
C ALA C 96 -5.38 22.04 14.34
N PRO C 97 -5.44 21.00 15.22
CA PRO C 97 -6.39 21.00 16.32
C PRO C 97 -6.07 22.21 17.20
N PRO C 98 -7.11 22.87 17.77
CA PRO C 98 -6.89 24.07 18.57
C PRO C 98 -6.03 23.85 19.82
N GLN C 99 -5.94 22.61 20.33
CA GLN C 99 -5.18 22.29 21.58
C GLN C 99 -3.67 22.13 21.32
N HIS C 100 -3.27 21.88 20.08
CA HIS C 100 -1.88 21.50 19.69
C HIS C 100 -0.95 22.71 19.78
N LEU C 101 0.14 22.57 20.54
CA LEU C 101 1.16 23.65 20.68
C LEU C 101 1.90 23.85 19.38
N ILE C 102 2.29 22.78 18.69
CA ILE C 102 3.25 22.82 17.55
C ILE C 102 2.49 22.64 16.25
N ARG C 103 2.59 23.63 15.36
CA ARG C 103 2.02 23.54 14.00
C ARG C 103 3.15 23.53 12.97
N VAL C 104 2.87 23.01 11.78
CA VAL C 104 3.75 23.20 10.60
C VAL C 104 3.02 24.16 9.66
N GLU C 105 3.73 25.18 9.17
CA GLU C 105 3.17 26.18 8.24
C GLU C 105 3.70 25.85 6.82
N GLY C 106 2.93 26.22 5.80
CA GLY C 106 3.32 26.10 4.38
C GLY C 106 3.38 24.66 3.89
N ASN C 107 2.65 23.73 4.52
CA ASN C 107 2.68 22.30 4.10
C ASN C 107 1.25 21.73 4.13
N LEU C 108 0.66 21.56 2.95
CA LEU C 108 -0.74 21.07 2.80
C LEU C 108 -0.82 19.57 3.11
N ARG C 109 0.31 18.87 3.27
CA ARG C 109 0.33 17.40 3.54
C ARG C 109 0.54 17.15 5.04
N VAL C 110 0.54 18.20 5.85
CA VAL C 110 0.70 18.11 7.34
C VAL C 110 -0.44 17.24 7.92
N GLU C 111 -0.12 16.45 8.94
CA GLU C 111 -1.09 15.53 9.62
C GLU C 111 -0.90 15.71 11.13
N TYR C 112 -1.99 15.77 11.89
CA TYR C 112 -1.97 15.98 13.36
C TYR C 112 -2.52 14.72 14.05
N LEU C 113 -1.92 14.34 15.19
CA LEU C 113 -2.31 13.12 15.95
C LEU C 113 -2.59 13.48 17.41
N ASP C 114 -3.75 13.09 17.91
CA ASP C 114 -4.03 12.88 19.35
C ASP C 114 -3.84 11.39 19.60
N ASP C 115 -2.75 10.99 20.25
CA ASP C 115 -2.40 9.55 20.47
C ASP C 115 -3.52 8.94 21.32
N ARG C 116 -4.10 7.83 20.84
CA ARG C 116 -5.25 7.13 21.47
C ARG C 116 -4.94 6.76 22.93
N ASN C 117 -3.68 6.46 23.28
CA ASN C 117 -3.33 5.84 24.59
C ASN C 117 -2.53 6.80 25.47
N THR C 118 -1.59 7.58 24.92
CA THR C 118 -0.76 8.54 25.70
C THR C 118 -1.45 9.90 25.76
N PHE C 119 -2.38 10.19 24.84
CA PHE C 119 -3.10 11.47 24.73
C PHE C 119 -2.13 12.59 24.34
N ARG C 120 -0.90 12.23 23.97
CA ARG C 120 0.14 13.21 23.56
C ARG C 120 -0.19 13.69 22.14
N HIS C 121 0.12 14.95 21.88
CA HIS C 121 -0.10 15.62 20.57
C HIS C 121 1.17 15.58 19.73
N SER C 122 1.04 15.44 18.42
CA SER C 122 2.20 15.57 17.51
C SER C 122 1.73 15.98 16.12
N VAL C 123 2.66 16.52 15.33
CA VAL C 123 2.42 16.99 13.94
C VAL C 123 3.46 16.28 13.07
N VAL C 124 3.01 15.73 11.94
N VAL C 124 3.01 15.74 11.94
CA VAL C 124 3.86 14.89 11.04
CA VAL C 124 3.85 14.90 11.04
C VAL C 124 3.75 15.43 9.61
C VAL C 124 3.75 15.45 9.62
N VAL C 125 4.88 15.51 8.92
CA VAL C 125 4.97 15.90 7.49
C VAL C 125 5.77 14.82 6.78
N PRO C 126 5.56 14.59 5.47
CA PRO C 126 6.44 13.74 4.69
C PRO C 126 7.85 14.36 4.67
N TYR C 127 8.86 13.51 4.74
CA TYR C 127 10.26 13.90 4.49
C TYR C 127 10.42 14.19 2.99
N GLU C 128 10.97 15.36 2.66
CA GLU C 128 11.40 15.68 1.28
C GLU C 128 12.92 15.86 1.32
N PRO C 129 13.65 15.32 0.33
CA PRO C 129 15.10 15.44 0.33
C PRO C 129 15.49 16.89 0.07
N PRO C 130 16.75 17.28 0.36
CA PRO C 130 17.20 18.63 -0.02
C PRO C 130 17.05 18.80 -1.55
N GLU C 131 16.94 20.03 -2.03
CA GLU C 131 17.01 20.35 -3.49
C GLU C 131 18.45 20.11 -3.97
N VAL C 132 18.68 19.81 -5.25
CA VAL C 132 20.05 19.56 -5.76
C VAL C 132 20.84 20.87 -5.60
N GLY C 133 21.95 20.85 -4.84
CA GLY C 133 22.72 22.05 -4.46
C GLY C 133 22.66 22.32 -2.97
N SER C 134 21.52 22.09 -2.32
CA SER C 134 21.25 22.31 -0.88
C SER C 134 21.63 21.08 -0.05
N ASP C 135 21.93 21.26 1.24
CA ASP C 135 22.51 20.18 2.09
C ASP C 135 21.49 19.68 3.12
N CYS C 136 20.34 20.36 3.25
CA CYS C 136 19.38 20.09 4.35
C CYS C 136 17.95 20.33 3.89
N THR C 137 16.99 19.79 4.64
CA THR C 137 15.55 20.03 4.45
C THR C 137 15.07 20.95 5.58
N THR C 138 14.35 22.03 5.26
CA THR C 138 13.82 23.00 6.25
C THR C 138 12.33 22.73 6.45
N ILE C 139 11.92 22.58 7.71
CA ILE C 139 10.51 22.58 8.18
C ILE C 139 10.27 23.89 8.94
N HIS C 140 9.13 24.53 8.68
CA HIS C 140 8.69 25.79 9.35
C HIS C 140 7.69 25.42 10.45
N TYR C 141 8.16 25.37 11.70
CA TYR C 141 7.31 25.19 12.90
C TYR C 141 6.76 26.53 13.37
N ASN C 142 5.54 26.52 13.92
CA ASN C 142 4.95 27.62 14.72
C ASN C 142 4.62 27.06 16.11
N TYR C 143 5.03 27.76 17.16
CA TYR C 143 4.62 27.49 18.56
C TYR C 143 3.50 28.48 18.91
N MET C 144 2.36 27.95 19.35
CA MET C 144 1.07 28.67 19.39
C MET C 144 0.71 29.09 20.84
N CYS C 145 1.66 29.01 21.77
CA CYS C 145 1.52 29.44 23.20
C CYS C 145 2.87 29.98 23.66
N ASN C 146 2.86 31.04 24.49
CA ASN C 146 4.08 31.58 25.15
C ASN C 146 4.45 30.66 26.32
N SER C 147 5.76 30.52 26.59
CA SER C 147 6.28 29.79 27.78
C SER C 147 5.65 30.34 29.05
N SER C 148 5.33 31.64 29.07
CA SER C 148 4.76 32.39 30.24
C SER C 148 3.26 32.13 30.44
N CYS C 149 2.54 31.61 29.44
CA CYS C 149 1.05 31.48 29.45
C CYS C 149 0.55 30.84 30.74
N MET C 150 -0.21 31.61 31.54
CA MET C 150 -0.97 31.14 32.73
C MET C 150 -1.97 30.07 32.25
N GLY C 151 -2.03 28.93 32.94
CA GLY C 151 -2.97 27.84 32.61
C GLY C 151 -2.56 27.08 31.37
N GLY C 152 -1.28 27.19 30.99
CA GLY C 152 -0.65 26.40 29.91
C GLY C 152 0.70 25.89 30.36
N MET C 153 1.76 26.19 29.61
CA MET C 153 3.14 25.82 30.00
C MET C 153 3.52 26.53 31.31
N ASN C 154 3.04 27.76 31.49
CA ASN C 154 3.13 28.54 32.76
C ASN C 154 4.57 28.50 33.26
N ARG C 155 5.50 28.94 32.41
CA ARG C 155 6.93 29.22 32.73
C ARG C 155 7.74 27.92 32.81
N ARG C 156 7.12 26.76 32.61
CA ARG C 156 7.83 25.46 32.61
C ARG C 156 8.53 25.27 31.27
N PRO C 157 9.84 24.91 31.27
CA PRO C 157 10.57 24.67 30.04
C PRO C 157 10.11 23.37 29.35
N ILE C 158 10.14 23.37 28.03
CA ILE C 158 9.74 22.21 27.18
C ILE C 158 10.90 21.84 26.27
N LEU C 159 10.92 20.58 25.86
CA LEU C 159 11.74 20.07 24.72
C LEU C 159 10.79 19.81 23.56
N THR C 160 11.27 20.06 22.34
CA THR C 160 10.69 19.51 21.09
C THR C 160 11.50 18.29 20.70
N ILE C 161 10.85 17.16 20.43
CA ILE C 161 11.47 15.90 19.97
C ILE C 161 11.10 15.74 18.51
N ILE C 162 12.09 15.74 17.61
CA ILE C 162 11.93 15.52 16.14
C ILE C 162 12.36 14.07 15.87
N THR C 163 11.41 13.23 15.45
CA THR C 163 11.66 11.82 15.11
C THR C 163 11.50 11.66 13.60
N LEU C 164 12.43 10.92 13.02
CA LEU C 164 12.38 10.48 11.60
C LEU C 164 11.84 9.04 11.62
N GLU C 165 10.73 8.78 10.92
CA GLU C 165 10.09 7.44 10.92
C GLU C 165 9.86 6.98 9.48
N ASP C 166 9.80 5.67 9.29
CA ASP C 166 9.45 5.06 7.97
C ASP C 166 7.94 5.14 7.82
N SER C 167 7.43 4.66 6.70
CA SER C 167 5.99 4.74 6.33
C SER C 167 5.14 3.97 7.34
N SER C 168 5.71 2.97 8.03
CA SER C 168 5.00 2.12 9.03
C SER C 168 5.09 2.72 10.44
N GLY C 169 5.85 3.80 10.63
CA GLY C 169 6.03 4.47 11.94
C GLY C 169 7.22 3.95 12.72
N ASN C 170 8.07 3.12 12.12
CA ASN C 170 9.30 2.61 12.78
C ASN C 170 10.33 3.74 12.89
N LEU C 171 10.92 3.89 14.07
CA LEU C 171 11.92 4.94 14.39
C LEU C 171 13.16 4.76 13.50
N LEU C 172 13.55 5.80 12.76
CA LEU C 172 14.81 5.85 11.95
C LEU C 172 15.84 6.75 12.63
N GLY C 173 15.39 7.82 13.29
CA GLY C 173 16.27 8.83 13.92
C GLY C 173 15.50 9.71 14.88
N ARG C 174 16.17 10.24 15.90
CA ARG C 174 15.57 11.17 16.89
C ARG C 174 16.61 12.20 17.32
N ASN C 175 16.17 13.45 17.43
N ASN C 175 16.20 13.47 17.41
CA ASN C 175 16.92 14.57 18.06
CA ASN C 175 16.95 14.50 18.16
C ASN C 175 15.93 15.40 18.87
C ASN C 175 15.94 15.41 18.87
N SER C 176 16.45 16.37 19.61
CA SER C 176 15.66 17.23 20.52
C SER C 176 16.39 18.56 20.70
N PHE C 177 15.63 19.57 21.09
CA PHE C 177 16.14 20.90 21.47
C PHE C 177 15.12 21.51 22.43
N GLU C 178 15.62 22.23 23.44
CA GLU C 178 14.80 23.04 24.37
C GLU C 178 14.21 24.20 23.56
N VAL C 179 13.01 24.64 23.94
CA VAL C 179 12.29 25.77 23.29
C VAL C 179 11.80 26.71 24.38
N ARG C 180 12.03 28.01 24.17
CA ARG C 180 11.34 29.08 24.93
C ARG C 180 10.56 29.91 23.92
N VAL C 181 9.25 30.02 24.11
CA VAL C 181 8.41 30.91 23.27
C VAL C 181 8.23 32.20 24.09
N CYS C 182 8.74 33.33 23.57
CA CYS C 182 8.85 34.60 24.34
C CYS C 182 8.74 35.78 23.38
N ALA C 183 8.49 36.97 23.93
CA ALA C 183 8.30 38.25 23.20
C ALA C 183 9.61 38.67 22.54
N CYS C 184 10.74 38.48 23.23
CA CYS C 184 12.06 39.04 22.82
C CYS C 184 13.12 37.93 22.82
N PRO C 185 13.16 37.07 21.77
CA PRO C 185 14.09 35.96 21.71
C PRO C 185 15.57 36.37 21.77
N GLY C 186 15.94 37.41 21.02
CA GLY C 186 17.30 37.99 21.03
C GLY C 186 17.75 38.31 22.45
N ARG C 187 16.95 39.10 23.18
CA ARG C 187 17.28 39.57 24.55
C ARG C 187 17.34 38.36 25.48
N ASP C 188 16.37 37.45 25.38
CA ASP C 188 16.26 36.30 26.31
C ASP C 188 17.43 35.32 26.06
N ARG C 189 17.82 35.10 24.80
CA ARG C 189 19.00 34.25 24.49
C ARG C 189 20.25 34.88 25.13
N ARG C 190 20.48 36.18 24.88
CA ARG C 190 21.68 36.91 25.39
C ARG C 190 21.74 36.79 26.92
N THR C 191 20.61 37.06 27.58
CA THR C 191 20.49 37.03 29.06
C THR C 191 20.82 35.63 29.57
N GLU C 192 20.22 34.59 28.98
CA GLU C 192 20.38 33.18 29.44
C GLU C 192 21.82 32.71 29.23
N GLU C 193 22.49 33.17 28.16
CA GLU C 193 23.90 32.76 27.85
C GLU C 193 24.87 33.43 28.82
N GLU C 194 24.58 34.65 29.28
CA GLU C 194 25.51 35.41 30.19
C GLU C 194 25.64 34.66 31.52
N ASN C 195 24.71 33.76 31.83
CA ASN C 195 24.78 32.79 32.96
C ASN C 195 25.69 31.63 32.57
N SER D 2 24.11 -31.64 -0.24
CA SER D 2 22.95 -31.22 0.61
C SER D 2 21.85 -30.58 -0.25
N SER D 3 20.69 -30.27 0.38
CA SER D 3 19.53 -29.58 -0.24
C SER D 3 20.01 -28.34 -1.01
N VAL D 4 20.65 -27.42 -0.28
CA VAL D 4 21.24 -26.14 -0.77
C VAL D 4 21.71 -26.27 -2.22
N PRO D 5 21.32 -25.33 -3.12
CA PRO D 5 21.90 -25.30 -4.47
C PRO D 5 23.39 -24.94 -4.46
N SER D 6 24.14 -25.54 -5.38
CA SER D 6 25.61 -25.46 -5.47
C SER D 6 26.05 -24.02 -5.72
N GLN D 7 27.17 -23.63 -5.09
CA GLN D 7 27.80 -22.28 -5.25
C GLN D 7 29.20 -22.44 -5.88
N LYS D 8 29.56 -23.65 -6.28
CA LYS D 8 30.93 -23.96 -6.82
C LYS D 8 31.10 -23.25 -8.18
N THR D 9 32.17 -22.46 -8.32
CA THR D 9 32.53 -21.78 -9.60
C THR D 9 32.76 -22.83 -10.69
N TYR D 10 32.32 -22.52 -11.92
CA TYR D 10 32.43 -23.37 -13.11
C TYR D 10 32.38 -22.51 -14.36
N GLN D 11 33.53 -22.23 -14.98
CA GLN D 11 33.59 -21.46 -16.26
C GLN D 11 32.98 -22.33 -17.37
N GLY D 12 33.18 -23.64 -17.29
CA GLY D 12 32.59 -24.62 -18.22
C GLY D 12 33.00 -24.37 -19.66
N SER D 13 32.15 -24.78 -20.60
CA SER D 13 32.46 -24.99 -22.03
C SER D 13 32.72 -23.65 -22.73
N TYR D 14 32.07 -22.57 -22.28
CA TYR D 14 32.05 -21.25 -22.98
C TYR D 14 32.95 -20.24 -22.27
N GLY D 15 33.73 -20.66 -21.27
CA GLY D 15 34.66 -19.80 -20.50
C GLY D 15 33.91 -18.65 -19.84
N PHE D 16 32.88 -18.98 -19.05
CA PHE D 16 31.92 -18.03 -18.45
C PHE D 16 32.49 -17.44 -17.16
N ARG D 17 32.64 -16.12 -17.13
CA ARG D 17 33.12 -15.33 -15.96
CA ARG D 17 33.05 -15.38 -15.91
C ARG D 17 32.28 -14.06 -15.82
N LEU D 18 32.27 -13.47 -14.63
CA LEU D 18 31.54 -12.21 -14.33
C LEU D 18 32.55 -11.07 -14.38
N GLY D 19 32.10 -9.90 -14.82
CA GLY D 19 32.86 -8.64 -14.70
C GLY D 19 31.99 -7.60 -14.02
N PHE D 20 32.62 -6.57 -13.47
CA PHE D 20 31.93 -5.44 -12.79
C PHE D 20 32.60 -4.14 -13.25
N LEU D 21 31.82 -3.06 -13.31
CA LEU D 21 32.36 -1.71 -13.59
C LEU D 21 33.35 -1.36 -12.47
N HIS D 22 34.43 -0.66 -12.83
CA HIS D 22 35.43 -0.09 -11.89
C HIS D 22 34.91 1.29 -11.47
N SER D 23 33.93 1.31 -10.56
N SER D 23 33.90 1.28 -10.60
CA SER D 23 33.06 2.47 -10.25
CA SER D 23 33.06 2.45 -10.21
C SER D 23 33.69 3.35 -9.15
C SER D 23 33.81 3.37 -9.25
N GLY D 24 34.58 2.80 -8.32
CA GLY D 24 35.19 3.53 -7.19
C GLY D 24 34.23 3.67 -6.02
N THR D 25 34.61 4.46 -5.01
CA THR D 25 33.88 4.58 -3.71
C THR D 25 33.48 6.04 -3.46
N ALA D 26 33.29 6.85 -4.50
CA ALA D 26 32.91 8.27 -4.38
C ALA D 26 31.50 8.36 -3.80
N LYS D 27 31.22 9.41 -3.03
CA LYS D 27 29.96 9.62 -2.26
C LYS D 27 28.73 9.30 -3.10
N SER D 28 28.74 9.62 -4.40
CA SER D 28 27.57 9.56 -5.32
C SER D 28 27.24 8.12 -5.77
N VAL D 29 28.19 7.18 -5.63
N VAL D 29 28.15 7.16 -5.57
CA VAL D 29 28.12 5.85 -6.30
CA VAL D 29 28.15 5.81 -6.22
C VAL D 29 26.99 5.03 -5.68
C VAL D 29 27.01 4.96 -5.66
N THR D 30 26.11 4.48 -6.53
CA THR D 30 24.90 3.72 -6.12
C THR D 30 25.21 2.22 -6.06
N CYS D 31 26.25 1.77 -6.78
N CYS D 31 26.29 1.80 -6.73
CA CYS D 31 26.73 0.36 -6.75
CA CYS D 31 26.73 0.38 -6.89
C CYS D 31 28.23 0.31 -7.03
C CYS D 31 28.25 0.28 -7.09
N THR D 32 28.97 -0.44 -6.22
CA THR D 32 30.45 -0.54 -6.32
C THR D 32 30.88 -1.96 -5.92
N TYR D 33 31.80 -2.53 -6.67
CA TYR D 33 32.30 -3.91 -6.51
C TYR D 33 33.72 -3.85 -5.96
N SER D 34 33.99 -4.66 -4.94
CA SER D 34 35.33 -4.86 -4.33
C SER D 34 35.91 -6.16 -4.89
N PRO D 35 36.97 -6.08 -5.74
CA PRO D 35 37.64 -7.28 -6.25
C PRO D 35 38.35 -8.04 -5.11
N ALA D 36 38.87 -7.33 -4.11
CA ALA D 36 39.61 -7.93 -2.98
C ALA D 36 38.66 -8.82 -2.16
N LEU D 37 37.40 -8.42 -2.01
CA LEU D 37 36.40 -9.15 -1.18
C LEU D 37 35.46 -10.00 -2.04
N ASN D 38 35.51 -9.87 -3.37
CA ASN D 38 34.51 -10.41 -4.34
C ASN D 38 33.10 -10.07 -3.84
N LYS D 39 32.86 -8.79 -3.57
CA LYS D 39 31.65 -8.31 -2.88
C LYS D 39 31.14 -7.04 -3.55
N MET D 40 29.86 -7.08 -3.97
N MET D 40 29.87 -7.06 -3.97
CA MET D 40 29.09 -5.92 -4.49
CA MET D 40 29.15 -5.87 -4.50
C MET D 40 28.46 -5.18 -3.30
C MET D 40 28.43 -5.17 -3.34
N PHE D 41 28.68 -3.87 -3.21
CA PHE D 41 27.95 -2.96 -2.28
C PHE D 41 26.99 -2.14 -3.13
N CYS D 42 25.68 -2.19 -2.85
CA CYS D 42 24.67 -1.48 -3.67
C CYS D 42 23.56 -0.91 -2.76
N GLN D 43 22.85 0.11 -3.26
CA GLN D 43 21.67 0.70 -2.60
C GLN D 43 20.43 -0.06 -3.05
N LEU D 44 19.42 -0.08 -2.20
CA LEU D 44 18.08 -0.68 -2.45
C LEU D 44 17.48 -0.09 -3.74
N ALA D 45 17.02 -1.00 -4.62
CA ALA D 45 16.24 -0.71 -5.84
C ALA D 45 17.08 -0.01 -6.91
N LYS D 46 18.37 0.27 -6.65
CA LYS D 46 19.24 0.97 -7.63
C LYS D 46 19.89 -0.03 -8.59
N THR D 47 20.23 0.45 -9.80
CA THR D 47 20.81 -0.33 -10.91
C THR D 47 22.15 -0.94 -10.51
N CYS D 48 22.27 -2.26 -10.60
N CYS D 48 22.26 -2.27 -10.60
CA CYS D 48 23.49 -3.05 -10.32
CA CYS D 48 23.49 -3.06 -10.33
C CYS D 48 23.94 -3.77 -11.58
C CYS D 48 23.93 -3.77 -11.59
N PRO D 49 24.82 -3.16 -12.42
CA PRO D 49 25.34 -3.83 -13.61
C PRO D 49 26.20 -5.04 -13.23
N VAL D 50 25.89 -6.18 -13.83
CA VAL D 50 26.74 -7.40 -13.81
C VAL D 50 27.06 -7.75 -15.26
N GLN D 51 28.35 -7.84 -15.59
CA GLN D 51 28.84 -8.22 -16.93
C GLN D 51 28.99 -9.74 -17.01
N LEU D 52 28.50 -10.33 -18.11
CA LEU D 52 28.76 -11.73 -18.50
C LEU D 52 29.87 -11.73 -19.55
N TRP D 53 30.97 -12.44 -19.27
CA TRP D 53 32.09 -12.63 -20.21
C TRP D 53 32.14 -14.11 -20.61
N VAL D 54 32.21 -14.37 -21.90
CA VAL D 54 32.35 -15.73 -22.49
C VAL D 54 33.51 -15.71 -23.49
N ASP D 55 34.25 -16.83 -23.58
CA ASP D 55 35.31 -17.07 -24.58
C ASP D 55 34.66 -17.41 -25.91
N SER D 56 33.50 -18.08 -25.87
CA SER D 56 32.72 -18.49 -27.07
C SER D 56 31.23 -18.24 -26.83
N THR D 57 30.53 -17.79 -27.88
CA THR D 57 29.10 -17.40 -27.86
C THR D 57 28.23 -18.62 -27.61
N PRO D 58 27.52 -18.69 -26.47
CA PRO D 58 26.53 -19.75 -26.28
C PRO D 58 25.43 -19.72 -27.34
N PRO D 59 24.73 -20.85 -27.58
CA PRO D 59 23.69 -20.89 -28.62
C PRO D 59 22.49 -20.02 -28.28
N PRO D 60 21.67 -19.59 -29.28
CA PRO D 60 20.42 -18.89 -29.00
C PRO D 60 19.54 -19.73 -28.06
N GLY D 61 18.82 -19.07 -27.13
CA GLY D 61 17.94 -19.74 -26.16
C GLY D 61 18.68 -20.08 -24.88
N THR D 62 19.99 -19.83 -24.81
CA THR D 62 20.77 -19.83 -23.55
C THR D 62 20.11 -18.85 -22.58
N ARG D 63 20.06 -19.18 -21.29
CA ARG D 63 19.39 -18.33 -20.27
C ARG D 63 20.37 -18.04 -19.13
N VAL D 64 20.14 -16.91 -18.45
CA VAL D 64 20.94 -16.43 -17.29
C VAL D 64 20.01 -16.28 -16.08
N ARG D 65 20.26 -17.07 -15.05
CA ARG D 65 19.52 -17.08 -13.77
C ARG D 65 20.37 -16.43 -12.67
N ALA D 66 19.71 -15.64 -11.82
CA ALA D 66 20.25 -15.09 -10.56
C ALA D 66 19.43 -15.64 -9.40
N MET D 67 20.10 -16.01 -8.32
CA MET D 67 19.49 -16.54 -7.08
C MET D 67 20.37 -16.10 -5.89
N ALA D 68 19.75 -15.69 -4.78
CA ALA D 68 20.46 -15.34 -3.53
C ALA D 68 20.43 -16.55 -2.59
N ILE D 69 21.54 -16.80 -1.91
N ILE D 69 21.48 -16.67 -1.79
CA ILE D 69 21.63 -17.77 -0.77
CA ILE D 69 21.66 -17.74 -0.78
C ILE D 69 22.36 -17.05 0.36
C ILE D 69 22.51 -17.18 0.36
N TYR D 70 22.14 -17.46 1.60
CA TYR D 70 22.92 -17.01 2.80
C TYR D 70 24.32 -17.63 2.70
N LYS D 71 25.32 -16.85 3.09
CA LYS D 71 26.75 -17.24 2.94
C LYS D 71 27.12 -18.21 4.07
N GLN D 72 26.60 -17.96 5.28
CA GLN D 72 26.94 -18.72 6.51
C GLN D 72 26.28 -20.10 6.45
N SER D 73 27.00 -21.15 6.87
CA SER D 73 26.59 -22.57 6.72
C SER D 73 25.36 -22.85 7.58
N GLN D 74 25.21 -22.16 8.71
CA GLN D 74 24.09 -22.37 9.67
C GLN D 74 22.80 -21.71 9.16
N HIS D 75 22.86 -20.87 8.12
CA HIS D 75 21.68 -20.14 7.57
C HIS D 75 21.39 -20.55 6.12
N MET D 76 22.18 -21.47 5.56
CA MET D 76 22.28 -21.72 4.10
C MET D 76 20.99 -22.38 3.57
N THR D 77 20.31 -23.18 4.41
CA THR D 77 19.06 -23.90 4.04
C THR D 77 17.84 -22.97 4.12
N GLU D 78 18.00 -21.76 4.66
CA GLU D 78 16.92 -20.75 4.73
C GLU D 78 16.81 -20.02 3.38
N VAL D 79 15.60 -19.88 2.86
CA VAL D 79 15.32 -19.13 1.59
C VAL D 79 15.54 -17.64 1.84
N VAL D 80 16.30 -16.97 0.98
CA VAL D 80 16.49 -15.49 1.04
C VAL D 80 15.27 -14.85 0.38
N ARG D 81 14.54 -14.03 1.12
CA ARG D 81 13.35 -13.27 0.63
C ARG D 81 13.34 -11.86 1.25
N ARG D 82 12.48 -10.98 0.74
CA ARG D 82 12.27 -9.63 1.31
C ARG D 82 11.62 -9.75 2.69
N CYS D 83 11.82 -8.75 3.54
CA CYS D 83 11.15 -8.62 4.85
C CYS D 83 9.66 -8.31 4.60
N PRO D 84 8.77 -8.61 5.57
CA PRO D 84 7.37 -8.23 5.44
C PRO D 84 7.18 -6.78 4.94
N HIS D 85 7.89 -5.83 5.56
CA HIS D 85 7.75 -4.37 5.29
C HIS D 85 7.93 -4.09 3.79
N HIS D 86 9.05 -4.53 3.20
CA HIS D 86 9.41 -4.23 1.79
C HIS D 86 8.47 -5.00 0.85
N GLU D 87 8.04 -6.20 1.23
CA GLU D 87 7.09 -7.02 0.43
C GLU D 87 5.79 -6.23 0.20
N ARG D 88 5.33 -5.43 1.18
CA ARG D 88 4.06 -4.68 1.13
C ARG D 88 4.25 -3.28 0.50
N CYS D 89 5.47 -2.76 0.33
CA CYS D 89 5.72 -1.45 -0.33
C CYS D 89 5.33 -1.54 -1.82
N SER D 90 4.71 -0.48 -2.36
CA SER D 90 3.95 -0.47 -3.63
C SER D 90 4.87 -0.53 -4.87
N ASP D 91 5.97 0.24 -4.89
CA ASP D 91 6.92 0.37 -6.04
C ASP D 91 7.19 -1.00 -6.69
N SER D 92 6.23 -1.46 -7.51
CA SER D 92 6.21 -2.76 -8.22
C SER D 92 6.14 -2.52 -9.73
N ASP D 93 6.86 -3.31 -10.53
CA ASP D 93 7.00 -3.09 -11.99
C ASP D 93 5.98 -3.96 -12.76
N GLY D 94 5.09 -4.67 -12.05
CA GLY D 94 4.05 -5.54 -12.64
C GLY D 94 4.55 -6.92 -13.03
N LEU D 95 5.85 -7.18 -12.94
CA LEU D 95 6.45 -8.45 -13.42
C LEU D 95 6.99 -9.26 -12.24
N ALA D 96 7.67 -8.63 -11.28
CA ALA D 96 8.41 -9.33 -10.19
C ALA D 96 7.45 -9.69 -9.06
N PRO D 97 7.53 -10.93 -8.50
CA PRO D 97 6.76 -11.25 -7.31
C PRO D 97 7.20 -10.32 -6.19
N PRO D 98 6.28 -9.88 -5.31
CA PRO D 98 6.62 -8.95 -4.25
C PRO D 98 7.65 -9.49 -3.23
N GLN D 99 7.79 -10.81 -3.13
CA GLN D 99 8.65 -11.52 -2.15
C GLN D 99 10.11 -11.59 -2.62
N HIS D 100 10.36 -11.43 -3.93
CA HIS D 100 11.67 -11.67 -4.58
C HIS D 100 12.67 -10.57 -4.21
N LEU D 101 13.82 -10.96 -3.67
CA LEU D 101 14.91 -10.01 -3.35
C LEU D 101 15.51 -9.44 -4.64
N ILE D 102 15.73 -10.28 -5.66
CA ILE D 102 16.51 -9.91 -6.88
C ILE D 102 15.56 -9.69 -8.04
N ARG D 103 15.59 -8.51 -8.63
CA ARG D 103 14.84 -8.20 -9.86
C ARG D 103 15.82 -7.92 -11.00
N VAL D 104 15.37 -8.02 -12.25
CA VAL D 104 16.09 -7.48 -13.43
C VAL D 104 15.26 -6.31 -13.94
N GLU D 105 15.92 -5.19 -14.23
CA GLU D 105 15.26 -3.95 -14.74
C GLU D 105 15.55 -3.84 -16.24
N GLY D 106 14.66 -3.16 -16.98
CA GLY D 106 14.85 -2.85 -18.42
C GLY D 106 14.80 -4.08 -19.31
N ASN D 107 14.12 -5.15 -18.90
CA ASN D 107 14.04 -6.39 -19.70
C ASN D 107 12.62 -6.97 -19.63
N LEU D 108 11.86 -6.80 -20.70
CA LEU D 108 10.44 -7.22 -20.76
C LEU D 108 10.36 -8.74 -20.95
N ARG D 109 11.48 -9.44 -21.17
CA ARG D 109 11.51 -10.92 -21.34
C ARG D 109 11.91 -11.61 -20.02
N VAL D 110 12.07 -10.85 -18.95
CA VAL D 110 12.42 -11.37 -17.60
C VAL D 110 11.36 -12.36 -17.13
N GLU D 111 11.79 -13.42 -16.43
CA GLU D 111 10.91 -14.51 -15.95
C GLU D 111 11.31 -14.80 -14.50
N TYR D 112 10.33 -14.99 -13.61
CA TYR D 112 10.55 -15.21 -12.16
C TYR D 112 10.06 -16.63 -11.80
N LEU D 113 10.79 -17.30 -10.91
CA LEU D 113 10.49 -18.68 -10.49
C LEU D 113 10.40 -18.73 -8.97
N ASP D 114 9.29 -19.24 -8.46
CA ASP D 114 9.15 -19.85 -7.11
C ASP D 114 9.29 -21.35 -7.33
N ASP D 115 10.43 -21.93 -6.95
CA ASP D 115 10.72 -23.37 -7.18
C ASP D 115 9.69 -24.16 -6.37
N ARG D 116 8.97 -25.08 -7.03
CA ARG D 116 7.85 -25.81 -6.41
C ARG D 116 8.35 -26.63 -5.21
N ASN D 117 9.61 -27.08 -5.21
CA ASN D 117 10.13 -28.07 -4.21
C ASN D 117 11.10 -27.43 -3.21
N THR D 118 11.99 -26.53 -3.65
CA THR D 118 12.98 -25.86 -2.76
C THR D 118 12.39 -24.57 -2.18
N PHE D 119 11.37 -24.01 -2.83
CA PHE D 119 10.73 -22.72 -2.45
C PHE D 119 11.70 -21.56 -2.65
N ARG D 120 12.85 -21.81 -3.27
CA ARG D 120 13.86 -20.76 -3.55
C ARG D 120 13.36 -19.91 -4.73
N HIS D 121 13.69 -18.63 -4.69
CA HIS D 121 13.34 -17.61 -5.71
C HIS D 121 14.50 -17.43 -6.68
N SER D 122 14.19 -17.19 -7.96
CA SER D 122 15.23 -16.78 -8.93
C SER D 122 14.59 -15.98 -10.06
N VAL D 123 15.42 -15.23 -10.78
CA VAL D 123 15.01 -14.38 -11.93
C VAL D 123 15.90 -14.80 -13.10
N VAL D 124 15.29 -14.99 -14.28
N VAL D 124 15.27 -14.95 -14.27
CA VAL D 124 15.98 -15.51 -15.49
CA VAL D 124 15.90 -15.49 -15.51
C VAL D 124 15.70 -14.56 -16.66
C VAL D 124 15.71 -14.46 -16.63
N VAL D 125 16.74 -14.26 -17.45
CA VAL D 125 16.63 -13.49 -18.72
C VAL D 125 17.29 -14.32 -19.80
N PRO D 126 16.86 -14.16 -21.08
CA PRO D 126 17.61 -14.73 -22.20
C PRO D 126 19.00 -14.09 -22.26
N TYR D 127 20.00 -14.91 -22.59
CA TYR D 127 21.36 -14.46 -22.91
C TYR D 127 21.30 -13.76 -24.27
N GLU D 128 21.83 -12.53 -24.34
CA GLU D 128 22.06 -11.82 -25.62
C GLU D 128 23.56 -11.60 -25.73
N PRO D 129 24.15 -11.78 -26.93
CA PRO D 129 25.58 -11.56 -27.12
C PRO D 129 25.88 -10.08 -26.97
N PRO D 130 27.16 -9.69 -26.78
CA PRO D 130 27.50 -8.28 -26.67
C PRO D 130 27.02 -7.53 -27.94
N GLU D 131 26.75 -6.23 -27.82
CA GLU D 131 26.38 -5.34 -28.95
C GLU D 131 27.64 -5.11 -29.80
N VAL D 132 27.46 -4.67 -31.05
CA VAL D 132 28.56 -4.16 -31.93
C VAL D 132 29.33 -3.08 -31.16
N GLY D 133 30.63 -3.30 -30.89
CA GLY D 133 31.48 -2.41 -30.09
C GLY D 133 31.89 -3.02 -28.76
N SER D 134 30.95 -3.68 -28.07
CA SER D 134 31.05 -4.13 -26.65
C SER D 134 31.61 -5.56 -26.57
N ASP D 135 32.25 -5.90 -25.46
CA ASP D 135 33.05 -7.15 -25.31
C ASP D 135 32.39 -8.10 -24.30
N CYS D 136 31.29 -7.68 -23.66
CA CYS D 136 30.60 -8.43 -22.57
C CYS D 136 29.10 -8.10 -22.64
N THR D 137 28.27 -8.91 -21.98
CA THR D 137 26.82 -8.64 -21.86
C THR D 137 26.53 -8.12 -20.45
N THR D 138 25.84 -6.98 -20.35
CA THR D 138 25.47 -6.35 -19.05
C THR D 138 24.00 -6.68 -18.74
N ILE D 139 23.77 -7.19 -17.53
CA ILE D 139 22.43 -7.33 -16.90
C ILE D 139 22.34 -6.30 -15.76
N HIS D 140 21.18 -5.64 -15.66
CA HIS D 140 20.87 -4.64 -14.60
C HIS D 140 20.01 -5.32 -13.52
N TYR D 141 20.64 -5.75 -12.42
CA TYR D 141 19.94 -6.29 -11.22
C TYR D 141 19.52 -5.13 -10.29
N ASN D 142 18.39 -5.31 -9.60
CA ASN D 142 17.94 -4.48 -8.45
C ASN D 142 17.77 -5.38 -7.23
N TYR D 143 18.35 -5.00 -6.09
CA TYR D 143 18.14 -5.68 -4.78
C TYR D 143 17.12 -4.87 -3.98
N MET D 144 16.05 -5.52 -3.54
CA MET D 144 14.80 -4.87 -3.09
C MET D 144 14.64 -4.86 -1.56
N CYS D 145 15.70 -5.24 -0.83
N CYS D 145 15.66 -5.32 -0.83
CA CYS D 145 15.73 -5.29 0.67
CA CYS D 145 15.72 -5.20 0.66
C CYS D 145 17.15 -4.95 1.13
C CYS D 145 17.14 -4.85 1.07
N ASN D 146 17.28 -4.24 2.26
CA ASN D 146 18.60 -3.88 2.84
C ASN D 146 19.12 -5.09 3.61
N SER D 147 20.45 -5.29 3.61
CA SER D 147 21.13 -6.34 4.42
C SER D 147 20.73 -6.22 5.89
N SER D 148 20.44 -5.00 6.35
CA SER D 148 20.10 -4.65 7.76
C SER D 148 18.65 -5.00 8.13
N CYS D 149 17.76 -5.22 7.16
CA CYS D 149 16.29 -5.35 7.37
C CYS D 149 15.97 -6.40 8.42
N MET D 150 15.39 -6.00 9.56
CA MET D 150 14.78 -6.90 10.57
C MET D 150 13.67 -7.72 9.89
N GLY D 151 13.65 -9.03 10.14
CA GLY D 151 12.62 -9.94 9.59
C GLY D 151 12.83 -10.21 8.11
N GLY D 152 14.05 -9.93 7.62
CA GLY D 152 14.55 -10.33 6.29
C GLY D 152 15.94 -10.94 6.46
N MET D 153 16.92 -10.43 5.72
CA MET D 153 18.32 -10.88 5.81
C MET D 153 18.89 -10.59 7.21
N ASN D 154 18.48 -9.49 7.82
CA ASN D 154 18.77 -9.13 9.24
C ASN D 154 20.27 -9.26 9.50
N ARG D 155 21.07 -8.58 8.68
CA ARG D 155 22.53 -8.37 8.82
C ARG D 155 23.33 -9.63 8.43
N ARG D 156 22.65 -10.70 8.00
CA ARG D 156 23.32 -11.94 7.53
C ARG D 156 23.81 -11.72 6.11
N PRO D 157 25.09 -12.04 5.82
CA PRO D 157 25.64 -11.86 4.47
C PRO D 157 25.05 -12.87 3.49
N ILE D 158 24.88 -12.45 2.23
CA ILE D 158 24.33 -13.31 1.16
C ILE D 158 25.32 -13.38 0.00
N LEU D 159 25.24 -14.45 -0.78
CA LEU D 159 25.88 -14.58 -2.12
C LEU D 159 24.76 -14.48 -3.15
N THR D 160 25.06 -13.87 -4.30
CA THR D 160 24.29 -14.03 -5.56
C THR D 160 24.99 -15.07 -6.41
N ILE D 161 24.26 -16.08 -6.87
CA ILE D 161 24.76 -17.16 -7.77
C ILE D 161 24.18 -16.89 -9.15
N ILE D 162 25.05 -16.64 -10.13
CA ILE D 162 24.70 -16.41 -11.57
C ILE D 162 25.02 -17.70 -12.32
N THR D 163 23.99 -18.37 -12.83
N THR D 163 23.99 -18.37 -12.83
CA THR D 163 24.15 -19.63 -13.60
CA THR D 163 24.11 -19.65 -13.57
C THR D 163 23.78 -19.36 -15.05
C THR D 163 23.77 -19.38 -15.04
N LEU D 164 24.59 -19.90 -15.96
CA LEU D 164 24.32 -19.90 -17.42
C LEU D 164 23.71 -21.27 -17.75
N GLU D 165 22.52 -21.32 -18.34
CA GLU D 165 21.85 -22.60 -18.70
C GLU D 165 21.45 -22.57 -20.17
N ASP D 166 21.35 -23.75 -20.79
CA ASP D 166 20.85 -23.86 -22.18
C ASP D 166 19.32 -23.84 -22.11
N SER D 167 18.67 -23.91 -23.27
CA SER D 167 17.20 -23.79 -23.41
C SER D 167 16.51 -24.94 -22.65
N SER D 168 17.19 -26.08 -22.47
CA SER D 168 16.64 -27.30 -21.81
C SER D 168 16.88 -27.26 -20.31
N GLY D 169 17.61 -26.26 -19.80
CA GLY D 169 17.91 -26.08 -18.37
C GLY D 169 19.19 -26.76 -17.94
N ASN D 170 20.02 -27.24 -18.89
CA ASN D 170 21.33 -27.87 -18.58
C ASN D 170 22.29 -26.77 -18.13
N LEU D 171 22.99 -27.00 -17.02
CA LEU D 171 23.98 -26.02 -16.49
C LEU D 171 25.15 -25.89 -17.46
N LEU D 172 25.49 -24.67 -17.90
CA LEU D 172 26.65 -24.37 -18.78
C LEU D 172 27.77 -23.73 -17.97
N GLY D 173 27.46 -22.88 -16.99
CA GLY D 173 28.45 -22.13 -16.21
C GLY D 173 27.86 -21.55 -14.95
N ARG D 174 28.69 -21.36 -13.92
CA ARG D 174 28.25 -20.77 -12.63
C ARG D 174 29.38 -19.91 -12.06
N ASN D 175 28.99 -18.74 -11.53
CA ASN D 175 29.86 -17.86 -10.72
C ASN D 175 29.03 -17.29 -9.57
N SER D 176 29.69 -16.57 -8.67
CA SER D 176 29.07 -16.02 -7.45
C SER D 176 29.84 -14.79 -6.99
N PHE D 177 29.18 -13.94 -6.22
CA PHE D 177 29.77 -12.77 -5.54
C PHE D 177 28.91 -12.47 -4.32
N GLU D 178 29.55 -12.05 -3.23
CA GLU D 178 28.88 -11.56 -2.00
C GLU D 178 28.20 -10.23 -2.36
N VAL D 179 27.09 -9.94 -1.69
N VAL D 179 27.10 -9.90 -1.70
CA VAL D 179 26.30 -8.69 -1.89
CA VAL D 179 26.37 -8.62 -1.93
C VAL D 179 25.98 -8.10 -0.51
C VAL D 179 25.89 -8.07 -0.58
N ARG D 180 26.17 -6.79 -0.37
CA ARG D 180 25.65 -6.01 0.77
C ARG D 180 24.76 -4.93 0.18
N VAL D 181 23.48 -4.89 0.58
CA VAL D 181 22.55 -3.80 0.20
C VAL D 181 22.53 -2.83 1.37
N CYS D 182 22.96 -1.58 1.14
CA CYS D 182 23.20 -0.58 2.22
C CYS D 182 22.97 0.83 1.68
N ALA D 183 22.87 1.80 2.61
CA ALA D 183 22.60 3.23 2.31
C ALA D 183 23.79 3.86 1.58
N CYS D 184 25.01 3.51 1.99
CA CYS D 184 26.26 4.20 1.55
C CYS D 184 27.28 3.16 1.07
N PRO D 185 27.13 2.64 -0.17
CA PRO D 185 28.03 1.59 -0.67
C PRO D 185 29.51 1.99 -0.73
N GLY D 186 29.79 3.20 -1.22
CA GLY D 186 31.15 3.78 -1.24
C GLY D 186 31.83 3.71 0.13
N ARG D 187 31.15 4.25 1.16
CA ARG D 187 31.69 4.29 2.55
C ARG D 187 31.85 2.86 3.08
N ASP D 188 30.86 2.01 2.86
CA ASP D 188 30.84 0.63 3.41
C ASP D 188 31.91 -0.22 2.73
N ARG D 189 32.13 -0.05 1.42
CA ARG D 189 33.25 -0.74 0.72
C ARG D 189 34.59 -0.31 1.35
N ARG D 190 34.83 0.99 1.47
CA ARG D 190 36.08 1.56 2.04
C ARG D 190 36.33 0.99 3.44
N THR D 191 35.30 1.00 4.29
CA THR D 191 35.34 0.53 5.70
C THR D 191 35.71 -0.96 5.70
N GLU D 192 35.04 -1.77 4.89
CA GLU D 192 35.22 -3.25 4.87
C GLU D 192 36.61 -3.61 4.33
N GLU D 193 37.15 -2.83 3.38
CA GLU D 193 38.50 -3.08 2.79
C GLU D 193 39.60 -2.73 3.82
N GLU D 194 39.38 -1.74 4.67
CA GLU D 194 40.43 -1.29 5.64
C GLU D 194 40.69 -2.42 6.66
N ASN D 195 39.77 -3.39 6.76
CA ASN D 195 39.96 -4.66 7.54
C ASN D 195 40.85 -5.62 6.74
N LEU D 196 42.16 -5.37 6.76
CA LEU D 196 43.27 -6.14 6.09
C LEU D 196 43.98 -5.22 5.09
#